data_6YMV
#
_entry.id   6YMV
#
_cell.length_a   1.00
_cell.length_b   1.00
_cell.length_c   1.00
_cell.angle_alpha   90.00
_cell.angle_beta   90.00
_cell.angle_gamma   90.00
#
_symmetry.space_group_name_H-M   'P 1'
#
loop_
_entity.id
_entity.type
_entity.pdbx_description
1 polymer 'Mitochondrial transcription factor 1'
2 polymer 'DNA-directed RNA polymerase, mitochondrial'
3 polymer 'DNA (33-MER) NON-TEMPLATE'
4 polymer 'DNA (33-MER) template'
#
loop_
_entity_poly.entity_id
_entity_poly.type
_entity_poly.pdbx_seq_one_letter_code
_entity_poly.pdbx_strand_id
1 'polypeptide(L)'
;MGGSHHHHHHGMASSVPIPGIKDISKLKFFYGFKYLWNPTVYNKIFDKLDLTKTYKHPEELKVLDLYPGVGIQSAIFYNK
YCPRQYSLLEKRSSLYKFLNAKFEGSPLQILKRDPYDWSTYSNLIDEERIFVPEVQSSDHINDKFLTVANVTGEGSEGLI
MQWLSCIGNKNWLYRFGKVKMLLWMPSTTARKLLARPGMHSRSKCSVVREAFTDTKLIAISDANELKGFDSQCIEEWDPI
LFSAAEIWPTKGKPIALVEMDPIDFDFDVDNWDYVTRHLMILKRTPLNTVMDSLGHGGQQYFNSRITDKDLLKKCPIDLT
NDEFIYLTKLFMEWPFKPDILMDFVDMYQTEHSG
;
B
2 'polypeptide(L)'
;GAMGSGIQRPSAVTSMTRTRDVMQLWSLLEACLQSNLMKRAFSILESLYLVPEHKQRFIEDYNMYLNSFSKNDPNFPILK
MNEKLTNDLETSFKDVNYNDKTLAIMIHHALNFHSTTSSMLLKPIISAYLKMSVNGIREIFSCLDILTISDLNILMNDLK
VITPSQLPNSVRPILESLTLSPTPVNNIENEEGLNKVEAENDSKLHKASNASSDSIKKPSLDPLREVSFHGSTEVLSKDA
EKLIAVDTIGMRVIRHTLLGLSLTPEQKEQISKFKFDANDNVLKMKPTKNDDNNNSINFFEIYNSLPTLEEKKAFESALN
IFNQDRQKVLENRATEAARERWKHDFEEAKARGDISIEKNLNVKLWKWYNEMLPLVKEEINHCRSLLSEKLSDKKGLNKV
DTNRLGYGPYLTLIDPGKMCVITILELLKLNSTGGVIEGMRTARAVISVGKAIEMEFRSEQVLKSESQAFRDVNKKSPEF
KKLVQNAKSVFRSSQIEQSKILWPQSIRARIGSVLISMLIQVAKVSVQGVDPVTKAKVHGEAPAFAHGYQYHNGSKLGVL
KIHKTLIRQLNGERLIASVQPQLLPMLVEPKPWVNWRSGGYHYTQSTLLRTKDSPEQVAYLKAASDNGDIDRVYDGLNVL
GRTPWTVNRKVFDVVSQVWNKGEGFLDIPGAQDEMVLPPAPPKNSDPSILRAWKLQVKTIANKFSSDRSNRCDTNYKLEI
ARAFLGEKLYFPHNLDFRGRAYPLSPHFNHLGNDMSRGLLIFWHGKKLGPSGLKWLKIHLSNLFGFDKLPLKDRVAFTES
HLQDIKDSAENPLTGDRWWTTADKPWQALATCFELNEVMKMDNPEEFISHQPVHQDGTCNGLQHYAALGGDVEGATQVNL
VPSDKPQDVYAHVARLVQKRLEIAAEKGDENAKILKDKITRKVVKQTVMTNVYGVTYVGATFQIAKQLSPIFDDRKESLD
FSKYLTKHVFSAIRELFHSAHLIQDWLGESAKRISKSIRLDVDEKSFKNGNKPDFMSSVIWTTPLGLPIVQPYREESKKQ
VETNLQTVFISDPFAVNPVNARRQKAGLPPNFIHSLDASHMLLSAAECGKQGLDFASVHDSYWTHASDIDTMNVVLREQF
IKLHEVDLVLRLKEEFDQRYKNYVKIGKLKRSTDLAQKIIRIRKDLSRKLGRSTTLADEIYFEKKRQELLNSPLIEDRNV
GEKMVTTVSLFEDITDLDALELENGGDENSGMSVLLPLRLPEIPPKGDFDVTVLRNSQYFFS
;
A
3 'polydeoxyribonucleotide'
;(DC)(DG)(DA)(DA)(DT)(DA)(DA)(DG)(DT)(DA)(DT)(DT)(DG)(DA)(DT)(DA)(DT)(DA)(DA)(DG)
(DT)(DA)(DA)(DT)(DA)(DG)(DA)(DT)(DA)(DA)(DT)(DG)(DC)
;
N
4 'polydeoxyribonucleotide'
;(DG)(DC)(DA)(DT)(DT)(DA)(DT)(DC)(DT)(DA)(DC)(DC)(DG)(DA)(DC)(DA)(DA)(DT)(DA)(DT)
(DC)(DA)(DA)(DT)(DA)(DC)(DT)(DT)(DA)(DT)(DT)(DC)(DG)
;
T
#
loop_
_chem_comp.id
_chem_comp.type
_chem_comp.name
_chem_comp.formula
DA DNA linking 2'-DEOXYADENOSINE-5'-MONOPHOSPHATE 'C10 H14 N5 O6 P'
DC DNA linking 2'-DEOXYCYTIDINE-5'-MONOPHOSPHATE 'C9 H14 N3 O7 P'
DG DNA linking 2'-DEOXYGUANOSINE-5'-MONOPHOSPHATE 'C10 H14 N5 O7 P'
DT DNA linking THYMIDINE-5'-MONOPHOSPHATE 'C10 H15 N2 O8 P'
#
# COMPACT_ATOMS: atom_id res chain seq x y z
N SER A 15 -32.91 25.50 43.13
CA SER A 15 -33.63 26.01 41.99
C SER A 15 -32.68 26.62 40.98
N VAL A 16 -32.06 25.76 40.17
CA VAL A 16 -31.11 26.23 39.16
C VAL A 16 -31.83 27.11 38.16
N PRO A 17 -31.31 28.29 37.82
CA PRO A 17 -31.97 29.13 36.81
C PRO A 17 -31.83 28.55 35.42
N ILE A 18 -32.94 28.34 34.76
CA ILE A 18 -32.98 27.67 33.45
C ILE A 18 -32.59 28.69 32.37
N PRO A 19 -31.66 28.37 31.48
CA PRO A 19 -31.37 29.26 30.36
C PRO A 19 -32.45 29.17 29.30
N GLY A 20 -32.81 30.31 28.74
CA GLY A 20 -33.86 30.41 27.74
C GLY A 20 -33.30 30.49 26.33
N ILE A 21 -34.15 30.92 25.40
CA ILE A 21 -33.72 31.08 24.02
C ILE A 21 -32.85 32.31 23.84
N LYS A 22 -32.98 33.30 24.72
CA LYS A 22 -32.17 34.51 24.62
C LYS A 22 -30.70 34.17 24.80
N ASP A 23 -30.36 33.47 25.89
CA ASP A 23 -28.97 33.17 26.19
C ASP A 23 -28.35 32.27 25.12
N ILE A 24 -29.02 31.16 24.80
CA ILE A 24 -28.40 30.13 23.96
C ILE A 24 -28.32 30.51 22.50
N SER A 25 -28.78 31.70 22.11
CA SER A 25 -28.63 32.16 20.74
C SER A 25 -27.27 32.80 20.49
N LYS A 26 -26.59 33.26 21.54
CA LYS A 26 -25.27 33.85 21.39
C LYS A 26 -24.18 32.80 21.21
N LEU A 27 -24.44 31.57 21.63
CA LEU A 27 -23.48 30.49 21.44
C LEU A 27 -23.38 30.16 19.96
N LYS A 28 -22.21 30.41 19.37
CA LYS A 28 -22.06 30.28 17.93
C LYS A 28 -21.66 28.88 17.49
N PHE A 29 -20.84 28.19 18.29
CA PHE A 29 -20.34 26.88 17.93
C PHE A 29 -21.05 25.81 18.72
N PHE A 30 -21.37 24.70 18.06
CA PHE A 30 -21.95 23.54 18.73
C PHE A 30 -21.36 22.23 18.28
N TYR A 31 -20.40 22.24 17.36
CA TYR A 31 -19.76 21.05 16.81
C TYR A 31 -20.71 20.16 16.03
N GLY A 32 -21.94 20.59 15.83
CA GLY A 32 -22.95 19.78 15.17
C GLY A 32 -24.01 19.21 16.08
N PHE A 33 -24.06 19.62 17.34
CA PHE A 33 -25.00 19.08 18.32
C PHE A 33 -26.22 19.97 18.40
N LYS A 34 -27.38 19.36 18.59
CA LYS A 34 -28.65 20.08 18.65
C LYS A 34 -29.30 19.81 19.99
N TYR A 35 -29.73 20.87 20.67
CA TYR A 35 -30.23 20.78 22.03
C TYR A 35 -31.64 21.35 22.09
N LEU A 36 -32.59 20.55 22.55
CA LEU A 36 -33.94 21.03 22.79
C LEU A 36 -33.93 22.11 23.87
N TRP A 37 -34.62 23.22 23.63
CA TRP A 37 -34.66 24.29 24.60
C TRP A 37 -36.05 24.60 25.16
N ASN A 38 -37.09 23.94 24.66
CA ASN A 38 -38.44 24.20 25.15
C ASN A 38 -38.64 23.54 26.49
N PRO A 39 -38.97 24.29 27.55
CA PRO A 39 -39.19 23.64 28.85
C PRO A 39 -40.45 22.80 28.90
N THR A 40 -41.47 23.14 28.09
CA THR A 40 -42.71 22.37 28.12
C THR A 40 -42.49 20.96 27.57
N VAL A 41 -41.69 20.82 26.53
CA VAL A 41 -41.38 19.50 26.00
C VAL A 41 -40.60 18.69 27.02
N TYR A 42 -39.72 19.35 27.78
CA TYR A 42 -39.00 18.66 28.85
C TYR A 42 -39.93 18.24 29.97
N ASN A 43 -40.93 19.06 30.28
CA ASN A 43 -41.92 18.64 31.27
C ASN A 43 -42.68 17.42 30.78
N LYS A 44 -43.09 17.42 29.51
CA LYS A 44 -43.76 16.26 28.95
C LYS A 44 -42.88 15.03 29.00
N ILE A 45 -41.60 15.17 28.67
CA ILE A 45 -40.68 14.05 28.65
C ILE A 45 -40.47 13.49 30.04
N PHE A 46 -40.24 14.35 31.02
CA PHE A 46 -40.01 13.88 32.38
C PHE A 46 -41.29 13.37 33.04
N ASP A 47 -42.46 13.75 32.51
CA ASP A 47 -43.68 13.08 32.92
C ASP A 47 -43.80 11.69 32.29
N LYS A 48 -43.41 11.57 31.03
CA LYS A 48 -43.48 10.28 30.35
C LYS A 48 -42.53 9.27 30.97
N LEU A 49 -41.33 9.71 31.36
CA LEU A 49 -40.34 8.80 31.91
C LEU A 49 -40.76 8.33 33.30
N ASP A 50 -41.34 9.22 34.10
CA ASP A 50 -41.74 8.91 35.48
C ASP A 50 -40.56 8.32 36.25
N LEU A 51 -39.44 9.04 36.23
CA LEU A 51 -38.20 8.50 36.78
C LEU A 51 -38.32 8.12 38.26
N THR A 52 -39.30 8.67 38.98
CA THR A 52 -39.49 8.28 40.37
C THR A 52 -40.08 6.89 40.52
N LYS A 53 -40.25 6.14 39.43
CA LYS A 53 -40.67 4.75 39.52
C LYS A 53 -39.48 3.82 39.68
N THR A 54 -38.38 4.11 39.01
CA THR A 54 -37.17 3.33 39.13
C THR A 54 -36.15 3.93 40.09
N TYR A 55 -36.19 5.24 40.28
CA TYR A 55 -35.38 5.93 41.30
C TYR A 55 -36.35 6.33 42.40
N LYS A 56 -36.46 5.48 43.42
CA LYS A 56 -37.43 5.72 44.48
C LYS A 56 -37.02 6.89 45.36
N HIS A 57 -35.72 7.04 45.62
CA HIS A 57 -35.19 8.14 46.43
C HIS A 57 -34.40 9.07 45.53
N PRO A 58 -35.02 10.09 44.94
CA PRO A 58 -34.25 11.02 44.10
C PRO A 58 -33.31 11.90 44.88
N GLU A 59 -33.54 12.09 46.18
CA GLU A 59 -32.67 12.94 46.99
C GLU A 59 -31.31 12.32 47.25
N GLU A 60 -31.05 11.12 46.71
CA GLU A 60 -29.76 10.47 46.85
C GLU A 60 -29.16 10.04 45.51
N LEU A 61 -29.83 10.33 44.40
CA LEU A 61 -29.38 9.87 43.10
C LEU A 61 -28.18 10.68 42.62
N LYS A 62 -27.28 10.02 41.89
CA LYS A 62 -26.10 10.66 41.33
C LYS A 62 -26.18 10.58 39.81
N VAL A 63 -26.22 11.74 39.16
CA VAL A 63 -26.41 11.84 37.72
C VAL A 63 -25.09 12.29 37.10
N LEU A 64 -24.74 11.67 35.97
CA LEU A 64 -23.55 12.03 35.21
C LEU A 64 -24.01 12.53 33.85
N ASP A 65 -23.96 13.84 33.65
CA ASP A 65 -24.44 14.46 32.41
C ASP A 65 -23.28 14.65 31.44
N LEU A 66 -23.29 13.86 30.37
CA LEU A 66 -22.29 13.97 29.32
C LEU A 66 -22.83 14.87 28.22
N TYR A 67 -21.97 15.74 27.71
CA TYR A 67 -22.33 16.69 26.65
C TYR A 67 -23.57 17.51 27.04
N PRO A 68 -23.49 18.29 28.12
CA PRO A 68 -24.67 19.04 28.56
C PRO A 68 -25.10 20.13 27.61
N GLY A 69 -24.17 20.68 26.83
CA GLY A 69 -24.52 21.70 25.86
C GLY A 69 -25.07 22.94 26.53
N VAL A 70 -26.31 23.29 26.18
CA VAL A 70 -26.91 24.51 26.71
C VAL A 70 -27.30 24.36 28.17
N GLY A 71 -27.55 23.12 28.62
CA GLY A 71 -27.80 22.89 30.02
C GLY A 71 -29.19 23.22 30.50
N ILE A 72 -30.21 23.01 29.66
CA ILE A 72 -31.59 23.22 30.08
C ILE A 72 -32.20 21.94 30.66
N GLN A 73 -31.92 20.80 30.01
CA GLN A 73 -32.34 19.53 30.57
C GLN A 73 -31.77 19.33 31.96
N SER A 74 -30.54 19.79 32.19
CA SER A 74 -29.90 19.64 33.48
C SER A 74 -30.60 20.47 34.55
N ALA A 75 -30.86 21.74 34.23
CA ALA A 75 -31.54 22.61 35.19
C ALA A 75 -32.94 22.09 35.49
N ILE A 76 -33.64 21.61 34.48
CA ILE A 76 -34.99 21.11 34.68
C ILE A 76 -34.98 19.84 35.51
N PHE A 77 -34.06 18.92 35.22
CA PHE A 77 -33.91 17.72 36.02
C PHE A 77 -33.64 18.07 37.48
N TYR A 78 -32.74 19.02 37.72
CA TYR A 78 -32.41 19.37 39.09
C TYR A 78 -33.60 20.01 39.80
N ASN A 79 -34.31 20.91 39.12
CA ASN A 79 -35.42 21.56 39.78
C ASN A 79 -36.57 20.60 40.02
N LYS A 80 -36.69 19.55 39.21
CA LYS A 80 -37.78 18.60 39.36
C LYS A 80 -37.49 17.51 40.39
N TYR A 81 -36.24 17.03 40.45
CA TYR A 81 -35.91 15.90 41.30
C TYR A 81 -34.89 16.21 42.39
N CYS A 82 -34.07 17.24 42.22
CA CYS A 82 -33.10 17.69 43.22
C CYS A 82 -32.20 16.54 43.67
N PRO A 83 -31.32 16.04 42.81
CA PRO A 83 -30.47 14.90 43.21
C PRO A 83 -29.38 15.30 44.18
N ARG A 84 -28.52 14.34 44.51
CA ARG A 84 -27.44 14.56 45.47
C ARG A 84 -26.19 15.14 44.81
N GLN A 85 -25.95 14.78 43.56
CA GLN A 85 -24.78 15.25 42.84
C GLN A 85 -25.08 15.20 41.35
N TYR A 86 -24.89 16.32 40.66
CA TYR A 86 -25.15 16.41 39.23
C TYR A 86 -23.86 16.91 38.57
N SER A 87 -23.16 16.02 37.87
CA SER A 87 -21.85 16.32 37.29
C SER A 87 -21.99 16.51 35.79
N LEU A 88 -21.79 17.74 35.33
CA LEU A 88 -21.87 18.09 33.92
C LEU A 88 -20.46 18.04 33.32
N LEU A 89 -20.22 17.06 32.44
CA LEU A 89 -18.92 16.90 31.80
C LEU A 89 -18.96 17.61 30.45
N GLU A 90 -18.67 18.90 30.44
CA GLU A 90 -18.66 19.67 29.20
C GLU A 90 -17.26 20.24 28.97
N LYS A 91 -16.69 19.90 27.82
CA LYS A 91 -15.35 20.35 27.45
C LYS A 91 -15.36 21.55 26.51
N ARG A 92 -16.30 21.56 25.55
CA ARG A 92 -16.34 22.59 24.53
C ARG A 92 -16.18 23.98 25.13
N SER A 93 -15.30 24.78 24.53
CA SER A 93 -14.84 26.03 25.13
C SER A 93 -15.99 27.01 25.32
N SER A 94 -16.69 27.35 24.24
CA SER A 94 -17.78 28.32 24.36
C SER A 94 -18.91 27.77 25.20
N LEU A 95 -19.19 26.47 25.07
CA LEU A 95 -20.25 25.86 25.86
C LEU A 95 -19.87 25.78 27.33
N TYR A 96 -18.60 25.47 27.62
CA TYR A 96 -18.15 25.51 29.00
C TYR A 96 -18.23 26.92 29.56
N LYS A 97 -17.86 27.91 28.76
CA LYS A 97 -17.94 29.29 29.22
C LYS A 97 -19.36 29.67 29.58
N PHE A 98 -20.31 29.33 28.70
CA PHE A 98 -21.71 29.60 28.99
C PHE A 98 -22.17 28.87 30.24
N LEU A 99 -21.87 27.58 30.34
CA LEU A 99 -22.34 26.78 31.46
C LEU A 99 -21.77 27.26 32.79
N ASN A 100 -20.53 27.75 32.78
CA ASN A 100 -19.91 28.22 34.00
C ASN A 100 -20.23 29.67 34.31
N ALA A 101 -20.69 30.44 33.32
CA ALA A 101 -21.16 31.78 33.58
C ALA A 101 -22.63 31.82 33.97
N LYS A 102 -23.39 30.77 33.69
CA LYS A 102 -24.81 30.74 34.03
C LYS A 102 -25.10 29.93 35.28
N PHE A 103 -24.36 28.85 35.52
CA PHE A 103 -24.60 27.96 36.65
C PHE A 103 -23.53 28.13 37.73
N GLU A 104 -23.09 29.36 37.95
CA GLU A 104 -22.14 29.64 39.02
C GLU A 104 -22.85 29.72 40.36
N GLY A 105 -22.30 29.05 41.36
CA GLY A 105 -22.91 28.98 42.67
C GLY A 105 -24.07 28.01 42.78
N SER A 106 -24.61 27.55 41.66
CA SER A 106 -25.71 26.60 41.69
C SER A 106 -25.19 25.21 42.07
N PRO A 107 -26.07 24.37 42.62
CA PRO A 107 -25.62 23.04 43.07
C PRO A 107 -25.19 22.11 41.95
N LEU A 108 -25.16 22.58 40.69
CA LEU A 108 -24.64 21.78 39.61
C LEU A 108 -23.12 21.77 39.66
N GLN A 109 -22.53 20.73 39.06
CA GLN A 109 -21.08 20.58 38.99
C GLN A 109 -20.66 20.58 37.53
N ILE A 110 -20.06 21.68 37.08
CA ILE A 110 -19.62 21.80 35.70
C ILE A 110 -18.14 21.45 35.64
N LEU A 111 -17.80 20.41 34.90
CA LEU A 111 -16.44 19.92 34.79
C LEU A 111 -15.99 19.97 33.34
N LYS A 112 -14.74 20.38 33.12
CA LYS A 112 -14.21 20.54 31.77
C LYS A 112 -13.40 19.28 31.44
N ARG A 113 -14.12 18.22 31.07
CA ARG A 113 -13.51 16.94 30.76
C ARG A 113 -14.20 16.35 29.56
N ASP A 114 -13.42 15.86 28.61
CA ASP A 114 -13.95 15.30 27.38
C ASP A 114 -14.75 14.02 27.59
N PRO A 115 -16.06 14.02 27.34
CA PRO A 115 -16.84 12.78 27.44
C PRO A 115 -16.29 11.64 26.61
N TYR A 116 -15.72 11.95 25.45
CA TYR A 116 -15.19 10.93 24.55
C TYR A 116 -14.01 10.18 25.16
N ASP A 117 -13.10 10.88 25.81
CA ASP A 117 -11.90 10.23 26.33
C ASP A 117 -12.25 9.21 27.40
N TRP A 118 -11.69 8.00 27.27
CA TRP A 118 -11.92 6.96 28.26
C TRP A 118 -11.34 7.34 29.60
N SER A 119 -10.17 7.97 29.58
CA SER A 119 -9.46 8.32 30.80
C SER A 119 -10.31 9.23 31.66
N THR A 120 -11.15 10.05 31.04
CA THR A 120 -11.93 11.01 31.80
C THR A 120 -12.72 10.31 32.88
N TYR A 121 -13.36 9.20 32.56
CA TYR A 121 -14.13 8.50 33.58
C TYR A 121 -13.21 7.87 34.63
N SER A 122 -12.13 7.25 34.18
CA SER A 122 -11.22 6.58 35.11
C SER A 122 -10.61 7.59 36.06
N ASN A 123 -10.19 8.73 35.54
CA ASN A 123 -9.61 9.75 36.38
C ASN A 123 -10.65 10.29 37.34
N LEU A 124 -11.85 10.61 36.84
CA LEU A 124 -12.86 11.21 37.69
C LEU A 124 -13.42 10.24 38.73
N ILE A 125 -13.80 9.05 38.31
CA ILE A 125 -14.39 8.08 39.24
C ILE A 125 -13.34 7.49 40.18
N ASP A 126 -12.15 7.19 39.69
CA ASP A 126 -11.13 6.49 40.48
C ASP A 126 -10.01 7.37 40.99
N GLU A 127 -9.37 8.17 40.14
CA GLU A 127 -8.20 8.92 40.57
C GLU A 127 -8.58 10.16 41.35
N GLU A 128 -9.36 11.06 40.75
CA GLU A 128 -9.77 12.26 41.44
C GLU A 128 -10.94 12.04 42.39
N ARG A 129 -11.74 11.00 42.16
CA ARG A 129 -12.85 10.63 43.04
C ARG A 129 -13.85 11.78 43.22
N ILE A 130 -14.00 12.61 42.19
CA ILE A 130 -14.98 13.70 42.26
C ILE A 130 -16.40 13.14 42.13
N PHE A 131 -16.59 12.15 41.27
CA PHE A 131 -17.89 11.52 41.06
C PHE A 131 -17.76 10.02 41.33
N VAL A 132 -18.36 9.56 42.40
CA VAL A 132 -18.26 8.17 42.83
C VAL A 132 -19.66 7.57 42.87
N PRO A 133 -20.00 6.74 41.89
CA PRO A 133 -21.31 6.06 41.91
C PRO A 133 -21.37 4.93 42.91
N GLU A 134 -22.47 4.17 42.89
CA GLU A 134 -22.68 3.04 43.78
C GLU A 134 -22.81 1.78 42.94
N VAL A 135 -21.92 0.81 43.14
CA VAL A 135 -22.03 -0.45 42.44
C VAL A 135 -23.22 -1.23 43.00
N GLN A 136 -24.02 -1.80 42.11
CA GLN A 136 -25.20 -2.55 42.49
C GLN A 136 -25.26 -3.84 41.70
N SER A 137 -26.16 -4.73 42.10
CA SER A 137 -26.27 -6.03 41.47
C SER A 137 -26.74 -5.91 40.03
N SER A 138 -26.71 -7.02 39.32
CA SER A 138 -27.08 -7.07 37.91
C SER A 138 -28.46 -7.71 37.71
N ASP A 139 -29.40 -7.46 38.62
CA ASP A 139 -30.77 -7.91 38.46
C ASP A 139 -31.75 -6.76 38.27
N HIS A 140 -31.52 -5.64 38.93
CA HIS A 140 -32.36 -4.46 38.83
C HIS A 140 -31.56 -3.31 38.24
N ILE A 141 -32.27 -2.27 37.82
CA ILE A 141 -31.60 -1.06 37.35
C ILE A 141 -31.00 -0.34 38.54
N ASN A 142 -29.71 -0.01 38.43
CA ASN A 142 -29.04 0.81 39.44
C ASN A 142 -29.89 2.03 39.74
N ASP A 143 -30.39 2.14 40.96
CA ASP A 143 -31.30 3.20 41.34
C ASP A 143 -30.61 4.39 41.96
N LYS A 144 -29.28 4.37 42.05
CA LYS A 144 -28.52 5.48 42.60
C LYS A 144 -27.63 6.15 41.56
N PHE A 145 -27.63 5.66 40.32
CA PHE A 145 -26.77 6.20 39.27
C PHE A 145 -27.53 6.21 37.97
N LEU A 146 -27.72 7.41 37.41
CA LEU A 146 -28.40 7.60 36.14
C LEU A 146 -27.51 8.42 35.23
N THR A 147 -27.36 8.01 33.98
CA THR A 147 -26.49 8.72 33.06
C THR A 147 -27.31 9.34 31.94
N VAL A 148 -26.95 10.58 31.59
CA VAL A 148 -27.63 11.36 30.57
C VAL A 148 -26.59 11.79 29.55
N ALA A 149 -26.93 11.69 28.27
CA ALA A 149 -25.97 12.03 27.24
C ALA A 149 -26.69 12.63 26.05
N ASN A 150 -26.03 13.58 25.40
CA ASN A 150 -26.53 14.18 24.16
C ASN A 150 -25.45 13.96 23.12
N VAL A 151 -25.44 12.79 22.50
CA VAL A 151 -24.52 12.49 21.43
C VAL A 151 -25.30 12.68 20.14
N THR A 152 -25.34 13.92 19.66
CA THR A 152 -26.17 14.29 18.53
C THR A 152 -25.38 14.63 17.28
N GLY A 153 -24.08 14.89 17.41
CA GLY A 153 -23.26 15.21 16.26
C GLY A 153 -23.29 14.12 15.22
N GLU A 154 -23.51 14.49 13.96
CA GLU A 154 -23.63 13.50 12.90
C GLU A 154 -22.37 12.65 12.77
N GLY A 155 -21.23 13.16 13.23
CA GLY A 155 -19.98 12.41 13.15
C GLY A 155 -19.72 11.58 14.38
N SER A 156 -20.38 11.92 15.49
CA SER A 156 -20.17 11.21 16.74
C SER A 156 -21.20 10.09 16.90
N GLU A 157 -21.18 9.17 15.94
CA GLU A 157 -22.01 7.98 16.01
C GLU A 157 -21.27 6.77 16.55
N GLY A 158 -19.96 6.71 16.36
CA GLY A 158 -19.18 5.64 16.93
C GLY A 158 -19.17 5.63 18.43
N LEU A 159 -19.41 6.79 19.05
CA LEU A 159 -19.43 6.87 20.50
C LEU A 159 -20.60 6.08 21.06
N ILE A 160 -21.77 6.21 20.43
CA ILE A 160 -22.95 5.47 20.88
C ILE A 160 -22.70 3.97 20.77
N MET A 161 -22.10 3.54 19.66
CA MET A 161 -21.83 2.12 19.45
C MET A 161 -20.85 1.62 20.49
N GLN A 162 -19.81 2.40 20.78
CA GLN A 162 -18.83 1.98 21.79
C GLN A 162 -19.48 1.86 23.15
N TRP A 163 -20.38 2.79 23.48
CA TRP A 163 -21.05 2.74 24.77
C TRP A 163 -22.02 1.57 24.84
N LEU A 164 -22.61 1.18 23.72
CA LEU A 164 -23.45 -0.01 23.70
C LEU A 164 -22.60 -1.26 23.91
N SER A 165 -21.40 -1.29 23.30
CA SER A 165 -20.49 -2.41 23.47
C SER A 165 -20.07 -2.54 24.93
N CYS A 166 -19.94 -1.40 25.61
CA CYS A 166 -19.57 -1.40 27.01
C CYS A 166 -20.61 -2.14 27.85
N ILE A 167 -21.88 -2.08 27.48
CA ILE A 167 -22.90 -2.83 28.21
C ILE A 167 -22.59 -4.32 28.12
N GLY A 168 -22.20 -4.79 26.94
CA GLY A 168 -21.84 -6.19 26.78
C GLY A 168 -20.61 -6.54 27.57
N ASN A 169 -19.61 -5.66 27.59
CA ASN A 169 -18.37 -5.91 28.30
C ASN A 169 -18.43 -5.56 29.78
N LYS A 170 -19.45 -4.81 30.21
CA LYS A 170 -19.59 -4.41 31.62
C LYS A 170 -18.32 -3.77 32.16
N ASN A 171 -17.82 -2.76 31.46
CA ASN A 171 -16.51 -2.22 31.82
C ASN A 171 -16.40 -0.71 31.86
N TRP A 172 -17.33 0.05 31.30
CA TRP A 172 -17.17 1.49 31.30
C TRP A 172 -17.85 2.15 32.48
N LEU A 173 -19.16 2.15 32.48
CA LEU A 173 -19.98 2.65 33.56
C LEU A 173 -20.97 1.61 34.01
N TYR A 174 -21.09 0.52 33.26
CA TYR A 174 -21.98 -0.57 33.59
C TYR A 174 -21.32 -1.57 34.50
N ARG A 175 -20.16 -1.23 35.05
CA ARG A 175 -19.59 -1.95 36.17
C ARG A 175 -20.23 -1.51 37.48
N PHE A 176 -21.03 -0.46 37.46
CA PHE A 176 -21.84 -0.05 38.60
C PHE A 176 -23.25 -0.62 38.53
N GLY A 177 -23.44 -1.71 37.82
CA GLY A 177 -24.76 -2.32 37.71
C GLY A 177 -25.41 -2.09 36.37
N LYS A 178 -26.74 -1.95 36.38
CA LYS A 178 -27.51 -1.66 35.18
C LYS A 178 -27.88 -0.18 35.19
N VAL A 179 -26.95 0.64 34.73
CA VAL A 179 -27.14 2.08 34.73
C VAL A 179 -28.03 2.47 33.56
N LYS A 180 -29.09 3.22 33.84
CA LYS A 180 -30.01 3.65 32.80
C LYS A 180 -29.50 4.92 32.13
N MET A 181 -29.55 4.94 30.80
CA MET A 181 -29.03 6.05 30.00
C MET A 181 -30.16 6.75 29.26
N LEU A 182 -30.10 8.07 29.24
CA LEU A 182 -31.05 8.91 28.50
C LEU A 182 -30.27 9.60 27.39
N LEU A 183 -30.42 9.11 26.17
CA LEU A 183 -29.51 9.44 25.08
C LEU A 183 -30.26 10.22 24.00
N TRP A 184 -29.81 11.44 23.75
CA TRP A 184 -30.24 12.16 22.55
C TRP A 184 -29.33 11.76 21.40
N MET A 185 -29.92 11.52 20.23
CA MET A 185 -29.16 10.98 19.13
C MET A 185 -29.90 11.30 17.83
N PRO A 186 -29.20 11.33 16.70
CA PRO A 186 -29.89 11.57 15.43
C PRO A 186 -31.01 10.55 15.21
N SER A 187 -32.02 10.96 14.46
CA SER A 187 -33.14 10.07 14.20
C SER A 187 -32.73 8.89 13.33
N THR A 188 -31.73 9.07 12.48
CA THR A 188 -31.23 7.95 11.70
C THR A 188 -30.52 6.93 12.58
N THR A 189 -29.83 7.40 13.61
CA THR A 189 -29.21 6.48 14.57
C THR A 189 -30.27 5.70 15.33
N ALA A 190 -31.31 6.39 15.82
CA ALA A 190 -32.38 5.70 16.52
C ALA A 190 -33.11 4.74 15.62
N ARG A 191 -33.18 5.02 14.32
CA ARG A 191 -33.84 4.10 13.39
C ARG A 191 -32.96 2.89 13.12
N LYS A 192 -31.64 3.08 13.07
CA LYS A 192 -30.74 1.93 12.99
C LYS A 192 -30.88 1.04 14.20
N LEU A 193 -30.84 1.63 15.39
CA LEU A 193 -30.85 0.83 16.62
C LEU A 193 -32.18 0.13 16.82
N LEU A 194 -33.28 0.86 16.67
CA LEU A 194 -34.60 0.34 17.02
C LEU A 194 -35.26 -0.43 15.88
N ALA A 195 -34.49 -0.96 14.94
CA ALA A 195 -35.05 -1.72 13.85
C ALA A 195 -35.34 -3.14 14.31
N ARG A 196 -36.45 -3.67 13.85
CA ARG A 196 -36.93 -5.00 14.20
C ARG A 196 -36.68 -5.97 13.06
N PRO A 197 -36.58 -7.26 13.35
CA PRO A 197 -36.14 -8.23 12.32
C PRO A 197 -36.89 -8.08 11.01
N GLY A 198 -36.13 -8.00 9.93
CA GLY A 198 -36.69 -7.91 8.60
C GLY A 198 -36.89 -6.52 8.07
N MET A 199 -36.82 -5.50 8.92
CA MET A 199 -37.03 -4.14 8.48
C MET A 199 -35.87 -3.69 7.58
N HIS A 200 -36.00 -2.47 7.05
CA HIS A 200 -35.01 -1.97 6.10
C HIS A 200 -33.73 -1.53 6.80
N SER A 201 -33.86 -0.89 7.95
CA SER A 201 -32.73 -0.35 8.70
C SER A 201 -32.16 -1.34 9.70
N ARG A 202 -32.30 -2.64 9.45
CA ARG A 202 -31.83 -3.66 10.37
C ARG A 202 -30.37 -3.98 10.07
N SER A 203 -29.50 -3.68 11.02
CA SER A 203 -28.07 -3.94 10.89
C SER A 203 -27.57 -4.50 12.21
N LYS A 204 -26.24 -4.56 12.36
CA LYS A 204 -25.69 -5.16 13.57
C LYS A 204 -25.88 -4.27 14.80
N CYS A 205 -25.98 -2.95 14.61
CA CYS A 205 -26.25 -2.08 15.75
C CYS A 205 -27.59 -2.41 16.38
N SER A 206 -28.56 -2.80 15.56
CA SER A 206 -29.88 -3.16 16.07
C SER A 206 -29.83 -4.50 16.79
N VAL A 207 -29.02 -5.43 16.31
CA VAL A 207 -28.88 -6.71 17.00
C VAL A 207 -28.18 -6.52 18.33
N VAL A 208 -27.19 -5.63 18.38
CA VAL A 208 -26.52 -5.30 19.63
C VAL A 208 -27.51 -4.68 20.61
N ARG A 209 -28.32 -3.74 20.13
CA ARG A 209 -29.33 -3.13 20.99
C ARG A 209 -30.31 -4.18 21.51
N GLU A 210 -30.73 -5.10 20.64
CA GLU A 210 -31.70 -6.11 21.05
C GLU A 210 -31.12 -7.07 22.08
N ALA A 211 -29.85 -7.44 21.91
CA ALA A 211 -29.24 -8.38 22.83
C ALA A 211 -28.88 -7.75 24.16
N PHE A 212 -28.47 -6.48 24.16
CA PHE A 212 -27.91 -5.87 25.36
C PHE A 212 -28.88 -4.95 26.10
N THR A 213 -29.87 -4.37 25.42
CA THR A 213 -30.65 -3.30 26.02
C THR A 213 -32.14 -3.55 25.89
N ASP A 214 -32.89 -2.83 26.71
CA ASP A 214 -34.32 -2.61 26.56
C ASP A 214 -34.48 -1.13 26.36
N THR A 215 -34.89 -0.74 25.15
CA THR A 215 -34.73 0.63 24.69
C THR A 215 -36.05 1.14 24.14
N LYS A 216 -36.46 2.33 24.59
CA LYS A 216 -37.69 2.96 24.16
C LYS A 216 -37.37 4.32 23.56
N LEU A 217 -38.20 4.73 22.60
CA LEU A 217 -38.09 6.04 21.96
C LEU A 217 -39.00 7.00 22.70
N ILE A 218 -38.41 7.89 23.51
CA ILE A 218 -39.21 8.71 24.41
C ILE A 218 -39.73 9.96 23.71
N ALA A 219 -39.00 10.49 22.74
CA ALA A 219 -39.42 11.71 22.05
C ALA A 219 -38.64 11.84 20.76
N ILE A 220 -39.29 12.33 19.73
CA ILE A 220 -38.67 12.52 18.42
C ILE A 220 -38.99 13.94 17.96
N SER A 221 -38.11 14.48 17.11
CA SER A 221 -38.19 15.86 16.67
C SER A 221 -38.74 15.98 15.25
N ASP A 222 -39.58 15.05 14.82
CA ASP A 222 -40.17 15.12 13.50
C ASP A 222 -41.30 14.11 13.43
N ALA A 223 -42.43 14.53 12.83
CA ALA A 223 -43.55 13.62 12.68
C ALA A 223 -43.37 12.70 11.48
N ASN A 224 -42.64 13.14 10.46
CA ASN A 224 -42.37 12.33 9.28
C ASN A 224 -41.13 11.48 9.45
N GLU A 225 -40.65 11.29 10.67
CA GLU A 225 -39.60 10.32 10.95
C GLU A 225 -40.13 9.02 11.49
N LEU A 226 -41.25 9.07 12.24
CA LEU A 226 -41.84 7.89 12.82
C LEU A 226 -42.28 6.86 11.78
N LYS A 227 -42.24 7.20 10.49
CA LYS A 227 -42.56 6.24 9.46
C LYS A 227 -41.41 5.27 9.20
N GLY A 228 -40.28 5.44 9.89
CA GLY A 228 -39.17 4.52 9.78
C GLY A 228 -39.03 3.54 10.93
N PHE A 229 -39.95 3.57 11.90
CA PHE A 229 -39.92 2.67 13.03
C PHE A 229 -41.00 1.61 12.89
N ASP A 230 -40.98 0.64 13.79
CA ASP A 230 -41.99 -0.41 13.78
C ASP A 230 -43.32 0.15 14.22
N SER A 231 -44.37 -0.12 13.45
CA SER A 231 -45.69 0.43 13.74
C SER A 231 -46.19 -0.03 15.11
N GLN A 232 -46.05 -1.32 15.40
CA GLN A 232 -46.45 -1.83 16.71
C GLN A 232 -45.60 -1.19 17.80
N CYS A 233 -44.30 -1.03 17.55
CA CYS A 233 -43.44 -0.42 18.55
C CYS A 233 -43.76 1.05 18.72
N ILE A 234 -44.15 1.73 17.64
CA ILE A 234 -44.58 3.12 17.77
C ILE A 234 -45.86 3.20 18.58
N GLU A 235 -46.73 2.19 18.47
CA GLU A 235 -47.95 2.19 19.27
C GLU A 235 -47.64 1.98 20.74
N GLU A 236 -46.71 1.07 21.05
CA GLU A 236 -46.38 0.83 22.45
C GLU A 236 -45.63 2.01 23.06
N TRP A 237 -44.66 2.57 22.34
CA TRP A 237 -43.85 3.65 22.89
C TRP A 237 -44.65 4.93 23.02
N ASP A 238 -45.38 5.29 21.97
CA ASP A 238 -46.09 6.56 21.87
C ASP A 238 -45.19 7.78 22.06
N PRO A 239 -44.16 7.95 21.23
CA PRO A 239 -43.16 8.98 21.50
C PRO A 239 -43.74 10.38 21.42
N ILE A 240 -43.20 11.27 22.24
CA ILE A 240 -43.57 12.67 22.18
C ILE A 240 -43.07 13.25 20.87
N LEU A 241 -43.90 14.08 20.24
CA LEU A 241 -43.53 14.76 19.00
C LEU A 241 -43.41 16.24 19.29
N PHE A 242 -42.32 16.84 18.83
CA PHE A 242 -42.15 18.27 18.91
C PHE A 242 -41.51 18.76 17.62
N SER A 243 -41.61 20.05 17.40
CA SER A 243 -41.19 20.66 16.14
C SER A 243 -39.70 20.99 16.18
N ALA A 244 -39.14 21.23 15.00
CA ALA A 244 -37.77 21.71 14.94
C ALA A 244 -37.65 23.18 15.32
N ALA A 245 -38.75 23.81 15.73
CA ALA A 245 -38.71 25.16 16.26
C ALA A 245 -38.33 25.19 17.74
N GLU A 246 -38.00 24.05 18.32
CA GLU A 246 -37.58 23.99 19.71
C GLU A 246 -36.20 23.38 19.88
N ILE A 247 -35.67 22.73 18.84
CA ILE A 247 -34.24 22.50 18.73
C ILE A 247 -33.57 23.82 18.40
N TRP A 248 -32.51 24.18 19.14
CA TRP A 248 -31.91 25.49 18.87
C TRP A 248 -31.18 25.55 17.54
N PRO A 249 -30.11 24.80 17.30
CA PRO A 249 -29.50 24.89 15.97
C PRO A 249 -30.45 24.30 14.93
N THR A 250 -31.13 25.18 14.20
CA THR A 250 -32.30 24.83 13.41
C THR A 250 -31.96 24.30 12.02
N LYS A 251 -30.74 23.81 11.82
CA LYS A 251 -30.31 23.42 10.49
C LYS A 251 -30.31 21.91 10.27
N GLY A 252 -29.68 21.15 11.16
CA GLY A 252 -29.39 19.76 10.90
C GLY A 252 -30.63 18.87 10.93
N LYS A 253 -30.35 17.57 10.95
CA LYS A 253 -31.35 16.53 10.91
C LYS A 253 -32.18 16.53 12.20
N PRO A 254 -33.26 15.76 12.26
CA PRO A 254 -34.01 15.65 13.52
C PRO A 254 -33.24 14.86 14.57
N ILE A 255 -33.65 15.04 15.83
CA ILE A 255 -33.04 14.34 16.95
C ILE A 255 -34.12 13.52 17.65
N ALA A 256 -33.67 12.58 18.47
CA ALA A 256 -34.55 11.60 19.09
C ALA A 256 -33.99 11.24 20.46
N LEU A 257 -34.85 11.25 21.47
CA LEU A 257 -34.49 10.84 22.81
C LEU A 257 -34.82 9.37 23.00
N VAL A 258 -33.90 8.66 23.65
CA VAL A 258 -33.97 7.21 23.77
C VAL A 258 -33.64 6.83 25.20
N GLU A 259 -34.57 6.17 25.88
CA GLU A 259 -34.28 5.63 27.20
C GLU A 259 -33.78 4.20 27.05
N MET A 260 -32.65 3.90 27.68
CA MET A 260 -31.91 2.67 27.44
C MET A 260 -31.60 2.04 28.79
N ASP A 261 -32.21 0.87 29.06
CA ASP A 261 -31.94 0.14 30.28
C ASP A 261 -31.21 -1.15 29.93
N PRO A 262 -30.01 -1.40 30.45
CA PRO A 262 -29.35 -2.67 30.16
C PRO A 262 -30.17 -3.85 30.68
N ILE A 263 -29.96 -5.01 30.08
CA ILE A 263 -30.60 -6.25 30.48
C ILE A 263 -29.54 -7.33 30.61
N ASP A 264 -29.99 -8.52 31.00
CA ASP A 264 -29.09 -9.65 31.21
C ASP A 264 -28.92 -10.44 29.94
N PHE A 265 -27.75 -11.07 29.82
CA PHE A 265 -27.44 -11.91 28.68
C PHE A 265 -26.47 -12.99 29.15
N ASP A 266 -26.55 -14.16 28.53
CA ASP A 266 -25.76 -15.30 28.94
C ASP A 266 -25.17 -16.02 27.74
N PHE A 267 -24.59 -15.25 26.82
CA PHE A 267 -23.83 -15.80 25.70
C PHE A 267 -22.40 -15.32 25.79
N ASP A 268 -21.57 -15.84 24.90
CA ASP A 268 -20.17 -15.43 24.79
C ASP A 268 -20.13 -14.22 23.86
N VAL A 269 -19.77 -13.06 24.41
CA VAL A 269 -19.88 -11.83 23.63
C VAL A 269 -18.84 -11.77 22.52
N ASP A 270 -17.70 -12.44 22.70
CA ASP A 270 -16.68 -12.41 21.66
C ASP A 270 -17.10 -13.23 20.44
N ASN A 271 -17.49 -14.49 20.67
CA ASN A 271 -17.95 -15.33 19.57
C ASN A 271 -19.25 -14.81 18.99
N TRP A 272 -20.12 -14.25 19.83
CA TRP A 272 -21.36 -13.67 19.31
C TRP A 272 -21.07 -12.45 18.46
N ASP A 273 -20.11 -11.63 18.88
CA ASP A 273 -19.70 -10.48 18.08
C ASP A 273 -19.18 -10.93 16.73
N TYR A 274 -18.29 -11.92 16.71
CA TYR A 274 -17.79 -12.45 15.44
C TYR A 274 -18.92 -12.93 14.55
N VAL A 275 -19.76 -13.83 15.08
CA VAL A 275 -20.79 -14.46 14.26
C VAL A 275 -21.76 -13.41 13.73
N THR A 276 -22.21 -12.50 14.59
CA THR A 276 -23.16 -11.48 14.17
C THR A 276 -22.55 -10.53 13.17
N ARG A 277 -21.28 -10.15 13.35
CA ARG A 277 -20.65 -9.22 12.42
C ARG A 277 -20.41 -9.85 11.07
N HIS A 278 -20.14 -11.16 11.02
CA HIS A 278 -19.88 -11.80 9.75
C HIS A 278 -21.13 -12.31 9.07
N LEU A 279 -22.23 -12.46 9.80
CA LEU A 279 -23.49 -12.86 9.18
C LEU A 279 -24.25 -11.65 8.64
N MET A 280 -24.21 -10.54 9.35
CA MET A 280 -24.93 -9.35 8.92
C MET A 280 -24.21 -8.60 7.82
N ILE A 281 -23.12 -9.14 7.26
CA ILE A 281 -22.58 -8.58 6.04
C ILE A 281 -23.50 -8.87 4.87
N LEU A 282 -23.82 -10.14 4.68
CA LEU A 282 -24.78 -10.56 3.68
C LEU A 282 -26.14 -10.75 4.36
N LYS A 283 -26.75 -9.63 4.71
CA LYS A 283 -28.02 -9.65 5.42
C LYS A 283 -29.21 -9.92 4.52
N ARG A 284 -28.99 -10.38 3.29
CA ARG A 284 -30.08 -10.73 2.40
C ARG A 284 -29.85 -12.09 1.75
N THR A 285 -28.75 -12.73 2.05
CA THR A 285 -28.46 -14.07 1.57
C THR A 285 -29.04 -15.10 2.53
N PRO A 286 -29.76 -16.11 2.06
CA PRO A 286 -30.30 -17.11 2.98
C PRO A 286 -29.19 -17.87 3.68
N LEU A 287 -29.52 -18.48 4.81
CA LEU A 287 -28.54 -19.25 5.54
C LEU A 287 -28.10 -20.50 4.79
N ASN A 288 -28.76 -20.87 3.69
CA ASN A 288 -28.29 -21.98 2.89
C ASN A 288 -26.90 -21.73 2.32
N THR A 289 -26.49 -20.47 2.20
CA THR A 289 -25.26 -20.14 1.51
C THR A 289 -24.41 -19.07 2.18
N VAL A 290 -24.78 -18.58 3.37
CA VAL A 290 -24.04 -17.50 4.00
C VAL A 290 -23.15 -18.00 5.13
N MET A 291 -23.16 -19.29 5.41
CA MET A 291 -22.39 -19.85 6.52
C MET A 291 -20.98 -20.24 6.13
N ASP A 292 -20.62 -20.13 4.86
CA ASP A 292 -19.23 -20.35 4.46
C ASP A 292 -18.38 -19.11 4.66
N SER A 293 -18.99 -17.96 4.89
CA SER A 293 -18.23 -16.76 5.23
C SER A 293 -17.70 -16.80 6.65
N LEU A 294 -18.03 -17.83 7.42
CA LEU A 294 -17.58 -17.94 8.80
C LEU A 294 -16.28 -18.70 8.92
N GLY A 295 -16.13 -19.80 8.17
CA GLY A 295 -14.88 -20.52 8.20
C GLY A 295 -14.81 -21.48 7.04
N HIS A 296 -13.77 -22.31 7.05
CA HIS A 296 -13.61 -23.33 6.03
C HIS A 296 -14.52 -24.52 6.35
N GLY A 297 -15.47 -24.78 5.47
CA GLY A 297 -16.43 -25.83 5.71
C GLY A 297 -17.52 -25.44 6.70
N GLY A 298 -17.93 -24.18 6.67
CA GLY A 298 -18.93 -23.71 7.61
C GLY A 298 -20.32 -24.15 7.24
N GLN A 299 -20.62 -24.19 5.94
CA GLN A 299 -21.97 -24.53 5.53
C GLN A 299 -22.24 -26.02 5.73
N GLN A 300 -21.28 -26.87 5.39
CA GLN A 300 -21.42 -28.29 5.66
C GLN A 300 -21.72 -28.53 7.14
N TYR A 301 -20.97 -27.86 8.02
CA TYR A 301 -21.14 -28.06 9.45
C TYR A 301 -22.50 -27.56 9.92
N PHE A 302 -22.85 -26.32 9.59
CA PHE A 302 -24.11 -25.77 10.06
C PHE A 302 -25.31 -26.41 9.38
N ASN A 303 -25.11 -27.14 8.28
CA ASN A 303 -26.20 -27.91 7.70
C ASN A 303 -26.34 -29.25 8.41
N SER A 304 -25.23 -29.91 8.70
CA SER A 304 -25.29 -31.14 9.46
C SER A 304 -25.76 -30.90 10.89
N ARG A 305 -25.69 -29.66 11.37
CA ARG A 305 -25.98 -29.35 12.76
C ARG A 305 -27.38 -28.78 12.95
N ILE A 306 -27.78 -27.81 12.14
CA ILE A 306 -29.11 -27.22 12.28
C ILE A 306 -30.14 -28.26 11.83
N THR A 307 -30.86 -28.83 12.79
CA THR A 307 -31.92 -29.78 12.51
C THR A 307 -33.24 -29.11 12.18
N ASP A 308 -33.30 -27.78 12.18
CA ASP A 308 -34.48 -27.03 11.78
C ASP A 308 -34.22 -26.55 10.36
N LYS A 309 -34.63 -27.35 9.39
CA LYS A 309 -34.36 -27.03 7.99
C LYS A 309 -35.18 -25.85 7.48
N ASP A 310 -35.94 -25.19 8.34
CA ASP A 310 -36.65 -23.97 7.96
C ASP A 310 -35.83 -22.73 8.30
N LEU A 311 -35.16 -22.73 9.46
CA LEU A 311 -34.23 -21.68 9.81
C LEU A 311 -33.18 -21.48 8.73
N LEU A 312 -32.81 -22.55 8.02
CA LEU A 312 -31.80 -22.45 6.98
C LEU A 312 -32.21 -21.55 5.83
N LYS A 313 -33.45 -21.08 5.78
CA LYS A 313 -33.92 -20.25 4.68
C LYS A 313 -34.05 -18.78 5.04
N LYS A 314 -33.93 -18.43 6.31
CA LYS A 314 -34.10 -17.05 6.74
C LYS A 314 -32.80 -16.28 6.55
N CYS A 315 -32.88 -15.15 5.85
CA CYS A 315 -31.73 -14.29 5.71
C CYS A 315 -31.37 -13.68 7.06
N PRO A 316 -30.10 -13.33 7.28
CA PRO A 316 -29.70 -12.77 8.58
C PRO A 316 -30.41 -11.48 8.95
N ILE A 317 -31.20 -10.90 8.05
CA ILE A 317 -32.00 -9.73 8.40
C ILE A 317 -33.32 -10.14 9.03
N ASP A 318 -33.71 -11.41 8.91
CA ASP A 318 -34.91 -11.94 9.51
C ASP A 318 -34.64 -12.64 10.83
N LEU A 319 -33.39 -12.82 11.21
CA LEU A 319 -33.05 -13.54 12.43
C LEU A 319 -33.27 -12.66 13.65
N THR A 320 -33.98 -13.19 14.64
CA THR A 320 -34.02 -12.55 15.94
C THR A 320 -32.69 -12.75 16.64
N ASN A 321 -32.54 -12.16 17.82
CA ASN A 321 -31.29 -12.34 18.55
C ASN A 321 -31.13 -13.74 19.09
N ASP A 322 -32.23 -14.39 19.45
CA ASP A 322 -32.13 -15.74 20.01
C ASP A 322 -31.60 -16.72 18.99
N GLU A 323 -31.97 -16.56 17.72
CA GLU A 323 -31.39 -17.39 16.68
C GLU A 323 -29.92 -17.08 16.48
N PHE A 324 -29.52 -15.83 16.69
CA PHE A 324 -28.10 -15.50 16.62
C PHE A 324 -27.32 -16.14 17.74
N ILE A 325 -27.88 -16.16 18.95
CA ILE A 325 -27.24 -16.85 20.07
C ILE A 325 -27.17 -18.34 19.81
N TYR A 326 -28.21 -18.90 19.19
CA TYR A 326 -28.18 -20.31 18.81
C TYR A 326 -27.05 -20.59 17.83
N LEU A 327 -26.87 -19.71 16.85
CA LEU A 327 -25.80 -19.90 15.87
C LEU A 327 -24.43 -19.73 16.49
N THR A 328 -24.27 -18.82 17.46
CA THR A 328 -22.98 -18.72 18.13
C THR A 328 -22.73 -19.90 19.05
N LYS A 329 -23.78 -20.48 19.61
CA LYS A 329 -23.60 -21.71 20.39
C LYS A 329 -23.13 -22.85 19.49
N LEU A 330 -23.71 -22.95 18.29
CA LEU A 330 -23.22 -23.95 17.34
C LEU A 330 -21.81 -23.63 16.88
N PHE A 331 -21.48 -22.34 16.78
CA PHE A 331 -20.14 -21.94 16.34
C PHE A 331 -19.09 -22.31 17.37
N MET A 332 -19.42 -22.16 18.66
CA MET A 332 -18.47 -22.48 19.71
C MET A 332 -18.32 -23.98 19.95
N GLU A 333 -19.24 -24.80 19.44
CA GLU A 333 -19.09 -26.24 19.48
C GLU A 333 -18.35 -26.79 18.26
N TRP A 334 -18.12 -25.96 17.27
CA TRP A 334 -17.45 -26.37 16.04
C TRP A 334 -16.01 -26.75 16.34
N PRO A 335 -15.59 -27.99 16.12
CA PRO A 335 -14.21 -28.35 16.43
C PRO A 335 -13.20 -27.59 15.59
N PHE A 336 -13.56 -27.20 14.38
CA PHE A 336 -12.64 -26.53 13.46
C PHE A 336 -12.98 -25.06 13.27
N LYS A 337 -13.49 -24.41 14.31
CA LYS A 337 -13.83 -23.02 14.21
C LYS A 337 -12.57 -22.18 14.03
N PRO A 338 -12.67 -21.06 13.32
CA PRO A 338 -11.48 -20.22 13.12
C PRO A 338 -11.08 -19.47 14.37
N ASP A 339 -10.03 -18.66 14.29
CA ASP A 339 -9.60 -17.83 15.40
C ASP A 339 -10.27 -16.47 15.27
N ILE A 340 -11.10 -16.13 16.25
CA ILE A 340 -11.82 -14.85 16.23
C ILE A 340 -10.92 -13.67 16.57
N LEU A 341 -9.66 -13.91 16.91
CA LEU A 341 -8.71 -12.83 17.19
C LEU A 341 -8.00 -12.33 15.93
N MET A 342 -7.72 -13.22 14.99
CA MET A 342 -7.03 -12.85 13.76
C MET A 342 -8.01 -12.49 12.65
N ASP A 343 -8.96 -11.59 12.95
CA ASP A 343 -9.93 -11.15 11.97
C ASP A 343 -9.63 -9.76 11.42
N PHE A 344 -8.53 -9.14 11.82
CA PHE A 344 -8.19 -7.84 11.32
C PHE A 344 -7.48 -7.95 9.97
N VAL A 345 -7.28 -6.80 9.34
CA VAL A 345 -6.58 -6.72 8.07
C VAL A 345 -5.22 -6.09 8.35
N ASP A 346 -4.16 -6.90 8.20
CA ASP A 346 -2.81 -6.51 8.56
C ASP A 346 -2.27 -5.48 7.59
N MET A 347 -2.41 -4.19 7.91
CA MET A 347 -2.06 -3.15 6.95
C MET A 347 -0.57 -2.83 6.95
N TYR A 348 0.15 -3.17 8.01
CA TYR A 348 1.60 -3.03 7.98
C TYR A 348 2.23 -3.94 6.93
N GLN A 349 1.51 -4.96 6.48
CA GLN A 349 2.01 -5.92 5.51
C GLN A 349 2.44 -5.28 4.21
N ILE B 297 28.51 -30.64 -11.71
CA ILE B 297 29.87 -30.27 -11.33
C ILE B 297 29.98 -28.76 -11.17
N ASN B 298 31.13 -28.31 -10.69
CA ASN B 298 31.36 -26.87 -10.50
C ASN B 298 32.10 -26.38 -11.74
N PHE B 299 31.36 -25.70 -12.62
CA PHE B 299 31.96 -25.13 -13.81
C PHE B 299 32.94 -24.02 -13.45
N PHE B 300 32.63 -23.23 -12.43
CA PHE B 300 33.50 -22.13 -12.03
C PHE B 300 34.88 -22.64 -11.66
N GLU B 301 34.95 -23.76 -10.93
CA GLU B 301 36.24 -24.30 -10.56
C GLU B 301 37.04 -24.72 -11.78
N ILE B 302 36.38 -25.35 -12.76
CA ILE B 302 37.08 -25.73 -13.98
C ILE B 302 37.59 -24.50 -14.71
N TYR B 303 36.76 -23.44 -14.77
CA TYR B 303 37.17 -22.22 -15.45
C TYR B 303 38.37 -21.59 -14.78
N ASN B 304 38.35 -21.52 -13.44
CA ASN B 304 39.47 -20.97 -12.70
C ASN B 304 40.72 -21.83 -12.87
N SER B 305 40.53 -23.15 -12.96
CA SER B 305 41.65 -24.08 -13.10
C SER B 305 42.47 -23.82 -14.36
N LEU B 306 41.80 -23.49 -15.46
CA LEU B 306 42.51 -23.34 -16.72
C LEU B 306 43.59 -22.27 -16.62
N PRO B 307 44.84 -22.61 -16.94
CA PRO B 307 45.93 -21.62 -16.84
C PRO B 307 45.90 -20.47 -17.83
N THR B 308 45.59 -20.74 -19.10
CA THR B 308 45.72 -19.74 -20.15
C THR B 308 44.37 -19.22 -20.65
N LEU B 309 44.37 -17.93 -20.98
CA LEU B 309 43.15 -17.26 -21.45
C LEU B 309 42.60 -17.89 -22.72
N GLU B 310 43.47 -18.30 -23.65
CA GLU B 310 42.96 -18.95 -24.87
C GLU B 310 42.22 -20.22 -24.52
N GLU B 311 42.77 -20.99 -23.57
CA GLU B 311 42.11 -22.21 -23.12
C GLU B 311 40.79 -21.87 -22.43
N LYS B 312 40.77 -20.79 -21.65
CA LYS B 312 39.54 -20.36 -21.00
C LYS B 312 38.48 -19.99 -22.04
N LYS B 313 38.87 -19.27 -23.08
CA LYS B 313 37.92 -18.89 -24.13
C LYS B 313 37.39 -20.13 -24.83
N ALA B 314 38.25 -21.13 -25.06
CA ALA B 314 37.79 -22.36 -25.68
C ALA B 314 36.79 -23.08 -24.79
N PHE B 315 37.08 -23.14 -23.49
CA PHE B 315 36.18 -23.83 -22.57
C PHE B 315 34.85 -23.09 -22.51
N GLU B 316 34.89 -21.76 -22.44
CA GLU B 316 33.65 -21.00 -22.37
C GLU B 316 32.85 -21.20 -23.65
N SER B 317 33.53 -21.26 -24.80
CA SER B 317 32.83 -21.47 -26.06
C SER B 317 32.10 -22.79 -26.04
N ALA B 318 32.76 -23.83 -25.50
CA ALA B 318 32.11 -25.13 -25.36
C ALA B 318 30.93 -25.04 -24.40
N LEU B 319 31.11 -24.28 -23.32
CA LEU B 319 30.09 -24.15 -22.29
C LEU B 319 28.81 -23.52 -22.84
N ASN B 320 28.94 -22.53 -23.72
CA ASN B 320 27.74 -21.91 -24.28
C ASN B 320 26.91 -22.94 -25.05
N ILE B 321 27.58 -23.77 -25.84
CA ILE B 321 26.90 -24.80 -26.60
C ILE B 321 26.25 -25.79 -25.65
N PHE B 322 26.99 -26.23 -24.63
CA PHE B 322 26.44 -27.23 -23.73
C PHE B 322 25.30 -26.67 -22.89
N ASN B 323 25.30 -25.37 -22.63
CA ASN B 323 24.26 -24.75 -21.82
C ASN B 323 23.05 -24.29 -22.62
N GLN B 324 23.10 -24.39 -23.94
CA GLN B 324 21.94 -23.94 -24.73
C GLN B 324 20.71 -24.78 -24.42
N ASP B 325 20.89 -26.11 -24.35
CA ASP B 325 19.78 -27.01 -24.09
C ASP B 325 19.22 -26.78 -22.70
N ARG B 326 20.10 -26.58 -21.72
CA ARG B 326 19.65 -26.36 -20.35
C ARG B 326 18.88 -25.05 -20.27
N GLN B 327 19.32 -24.04 -21.00
CA GLN B 327 18.62 -22.76 -20.99
C GLN B 327 17.22 -22.95 -21.54
N LYS B 328 17.08 -23.76 -22.58
CA LYS B 328 15.76 -23.98 -23.16
C LYS B 328 14.82 -24.59 -22.12
N VAL B 329 15.34 -25.52 -21.31
CA VAL B 329 14.57 -26.15 -20.24
C VAL B 329 14.20 -25.11 -19.18
N LEU B 330 15.13 -24.20 -18.88
CA LEU B 330 14.90 -23.17 -17.87
C LEU B 330 13.75 -22.26 -18.26
N GLU B 331 13.63 -21.94 -19.54
CA GLU B 331 12.62 -21.01 -20.03
C GLU B 331 11.28 -21.69 -20.29
N ASN B 332 11.13 -22.93 -19.84
CA ASN B 332 9.86 -23.64 -19.98
C ASN B 332 8.75 -22.88 -19.27
N ARG B 333 7.58 -22.87 -19.88
CA ARG B 333 6.44 -22.13 -19.35
C ARG B 333 5.95 -22.75 -18.04
N ALA B 334 5.32 -21.91 -17.21
CA ALA B 334 4.87 -22.33 -15.90
C ALA B 334 3.87 -23.47 -15.98
N THR B 335 2.89 -23.36 -16.87
CA THR B 335 1.87 -24.40 -16.98
C THR B 335 2.49 -25.78 -17.24
N GLU B 336 3.43 -25.84 -18.17
CA GLU B 336 4.04 -27.12 -18.52
C GLU B 336 4.94 -27.64 -17.41
N ALA B 337 5.77 -26.76 -16.85
CA ALA B 337 6.69 -27.21 -15.80
C ALA B 337 5.92 -27.65 -14.56
N ALA B 338 4.95 -26.85 -14.14
CA ALA B 338 4.20 -27.17 -12.93
C ALA B 338 3.39 -28.45 -13.11
N ARG B 339 2.69 -28.59 -14.24
CA ARG B 339 1.88 -29.79 -14.43
C ARG B 339 2.76 -31.02 -14.50
N GLU B 340 3.87 -30.95 -15.25
CA GLU B 340 4.74 -32.11 -15.38
C GLU B 340 5.36 -32.48 -14.05
N ARG B 341 5.86 -31.48 -13.31
CA ARG B 341 6.54 -31.78 -12.05
C ARG B 341 5.58 -32.36 -11.02
N TRP B 342 4.43 -31.72 -10.79
CA TRP B 342 3.57 -32.29 -9.75
C TRP B 342 2.92 -33.60 -10.20
N LYS B 343 2.59 -33.75 -11.49
CA LYS B 343 2.05 -35.04 -11.90
C LYS B 343 3.08 -36.13 -11.69
N HIS B 344 4.34 -35.86 -12.06
CA HIS B 344 5.39 -36.85 -11.86
C HIS B 344 5.50 -37.21 -10.38
N ASP B 345 5.46 -36.18 -9.52
CA ASP B 345 5.58 -36.41 -8.08
C ASP B 345 4.44 -37.29 -7.60
N PHE B 346 3.21 -37.01 -8.03
CA PHE B 346 2.07 -37.80 -7.60
C PHE B 346 2.21 -39.24 -8.04
N GLU B 347 2.59 -39.45 -9.30
CA GLU B 347 2.72 -40.80 -9.82
C GLU B 347 3.80 -41.58 -9.05
N GLU B 348 4.93 -40.94 -8.79
CA GLU B 348 5.99 -41.61 -8.05
C GLU B 348 5.56 -41.89 -6.61
N ALA B 349 4.90 -40.92 -5.97
CA ALA B 349 4.49 -41.08 -4.58
C ALA B 349 3.51 -42.22 -4.46
N LYS B 350 2.62 -42.38 -5.44
CA LYS B 350 1.61 -43.43 -5.33
C LYS B 350 2.30 -44.78 -5.19
N ALA B 351 3.33 -45.03 -6.00
CA ALA B 351 4.08 -46.27 -5.89
C ALA B 351 4.81 -46.35 -4.56
N ARG B 352 5.47 -45.25 -4.16
CA ARG B 352 6.21 -45.25 -2.90
C ARG B 352 5.28 -45.40 -1.71
N GLY B 353 4.11 -44.80 -1.78
CA GLY B 353 3.14 -44.79 -0.70
C GLY B 353 2.80 -43.37 -0.28
N ASP B 354 1.74 -43.27 0.54
CA ASP B 354 1.25 -41.97 0.96
C ASP B 354 1.87 -41.57 2.30
N ILE B 355 2.52 -40.40 2.29
CA ILE B 355 3.16 -39.83 3.47
C ILE B 355 3.12 -38.31 3.35
N SER B 356 3.28 -37.62 4.47
CA SER B 356 3.27 -36.16 4.50
C SER B 356 4.68 -35.60 4.35
N ILE B 357 5.33 -35.99 3.25
CA ILE B 357 6.72 -35.61 2.98
C ILE B 357 6.79 -34.43 2.02
N GLU B 358 8.02 -34.08 1.62
CA GLU B 358 8.30 -32.91 0.81
C GLU B 358 7.42 -32.80 -0.43
N LYS B 359 6.99 -33.93 -0.98
CA LYS B 359 6.15 -33.94 -2.18
C LYS B 359 4.66 -34.04 -1.86
N ASN B 360 4.29 -34.04 -0.58
CA ASN B 360 2.88 -34.18 -0.22
C ASN B 360 2.06 -33.06 -0.85
N LEU B 361 2.58 -31.83 -0.84
CA LEU B 361 1.85 -30.74 -1.47
C LEU B 361 1.71 -30.96 -2.97
N ASN B 362 2.77 -31.45 -3.63
CA ASN B 362 2.66 -31.67 -5.06
C ASN B 362 1.57 -32.70 -5.35
N VAL B 363 1.46 -33.72 -4.49
CA VAL B 363 0.44 -34.74 -4.68
C VAL B 363 -0.94 -34.11 -4.52
N LYS B 364 -1.08 -33.23 -3.52
CA LYS B 364 -2.37 -32.58 -3.33
C LYS B 364 -2.73 -31.74 -4.55
N LEU B 365 -1.76 -30.99 -5.07
CA LEU B 365 -2.01 -30.13 -6.21
C LEU B 365 -2.42 -30.93 -7.43
N TRP B 366 -1.77 -32.08 -7.66
CA TRP B 366 -2.16 -32.89 -8.80
C TRP B 366 -3.56 -33.47 -8.61
N LYS B 367 -3.92 -33.80 -7.37
CA LYS B 367 -5.27 -34.30 -7.11
C LYS B 367 -6.30 -33.22 -7.39
N TRP B 368 -6.03 -32.01 -6.90
CA TRP B 368 -6.93 -30.89 -7.15
C TRP B 368 -7.08 -30.62 -8.63
N TYR B 369 -5.96 -30.62 -9.36
CA TYR B 369 -6.03 -30.40 -10.81
C TYR B 369 -6.89 -31.46 -11.48
N ASN B 370 -6.66 -32.73 -11.12
CA ASN B 370 -7.38 -33.81 -11.78
C ASN B 370 -8.87 -33.75 -11.49
N GLU B 371 -9.26 -33.35 -10.28
CA GLU B 371 -10.67 -33.30 -9.97
C GLU B 371 -11.29 -31.93 -10.22
N MET B 372 -10.51 -30.97 -10.70
CA MET B 372 -11.04 -29.68 -11.14
C MET B 372 -11.15 -29.58 -12.65
N LEU B 373 -10.36 -30.35 -13.39
CA LEU B 373 -10.43 -30.32 -14.85
C LEU B 373 -11.81 -30.67 -15.40
N PRO B 374 -12.49 -31.73 -14.92
CA PRO B 374 -13.85 -31.99 -15.44
C PRO B 374 -14.80 -30.83 -15.23
N LEU B 375 -14.72 -30.15 -14.08
CA LEU B 375 -15.60 -29.01 -13.84
C LEU B 375 -15.42 -27.95 -14.91
N VAL B 376 -14.18 -27.62 -15.26
CA VAL B 376 -13.94 -26.52 -16.18
C VAL B 376 -14.28 -26.93 -17.61
N LYS B 377 -14.02 -28.18 -17.99
CA LYS B 377 -14.40 -28.54 -19.35
C LYS B 377 -15.92 -28.72 -19.48
N GLU B 378 -16.59 -29.08 -18.39
CA GLU B 378 -18.05 -29.04 -18.37
C GLU B 378 -18.57 -27.62 -18.49
N GLU B 379 -17.92 -26.67 -17.82
CA GLU B 379 -18.28 -25.27 -17.98
C GLU B 379 -18.11 -24.83 -19.43
N ILE B 380 -17.01 -25.25 -20.08
CA ILE B 380 -16.79 -24.90 -21.48
C ILE B 380 -17.88 -25.50 -22.36
N ASN B 381 -18.23 -26.76 -22.12
CA ASN B 381 -19.29 -27.40 -22.88
C ASN B 381 -20.62 -26.66 -22.71
N HIS B 382 -20.93 -26.27 -21.47
CA HIS B 382 -22.16 -25.55 -21.22
C HIS B 382 -22.13 -24.12 -21.77
N CYS B 383 -20.95 -23.58 -21.99
CA CYS B 383 -20.84 -22.30 -22.67
C CYS B 383 -21.08 -22.45 -24.16
N ARG B 384 -20.55 -23.51 -24.75
CA ARG B 384 -20.74 -23.76 -26.18
C ARG B 384 -22.17 -24.18 -26.50
N SER B 385 -22.85 -24.82 -25.55
CA SER B 385 -24.22 -25.27 -25.80
C SER B 385 -25.18 -24.11 -26.03
N LEU B 386 -24.84 -22.92 -25.52
CA LEU B 386 -25.66 -21.73 -25.77
C LEU B 386 -24.95 -20.69 -26.62
N LEU B 387 -23.64 -20.82 -26.81
CA LEU B 387 -22.91 -19.89 -27.68
C LEU B 387 -23.16 -20.18 -29.15
N SER B 388 -23.58 -21.39 -29.48
CA SER B 388 -24.02 -21.74 -30.82
C SER B 388 -25.52 -21.58 -31.00
N GLU B 389 -26.25 -21.20 -29.95
CA GLU B 389 -27.67 -20.96 -30.08
C GLU B 389 -27.96 -19.76 -30.97
N LYS B 390 -27.04 -18.79 -31.00
CA LYS B 390 -27.11 -17.61 -31.86
C LYS B 390 -28.32 -16.73 -31.55
N LEU B 391 -29.10 -17.08 -30.52
CA LEU B 391 -30.30 -16.34 -30.16
C LEU B 391 -30.15 -15.83 -28.73
N SER B 392 -29.92 -14.52 -28.58
CA SER B 392 -29.93 -13.87 -27.29
C SER B 392 -31.35 -13.41 -27.01
N ASP B 393 -31.98 -14.01 -25.99
CA ASP B 393 -33.40 -13.81 -25.75
C ASP B 393 -33.62 -13.71 -24.24
N LYS B 394 -34.87 -13.85 -23.82
CA LYS B 394 -35.23 -13.89 -22.40
C LYS B 394 -34.89 -15.28 -21.88
N LYS B 395 -33.69 -15.41 -21.34
CA LYS B 395 -33.16 -16.65 -20.80
C LYS B 395 -32.91 -16.47 -19.30
N GLY B 396 -32.23 -17.43 -18.69
CA GLY B 396 -31.91 -17.33 -17.27
C GLY B 396 -31.20 -16.01 -17.02
N LEU B 397 -31.86 -15.13 -16.24
CA LEU B 397 -31.46 -13.73 -16.18
C LEU B 397 -30.08 -13.51 -15.56
N ASN B 398 -29.51 -14.52 -14.91
CA ASN B 398 -28.19 -14.35 -14.30
C ASN B 398 -27.15 -15.29 -14.89
N LYS B 399 -27.42 -16.60 -14.89
CA LYS B 399 -26.36 -17.58 -15.09
C LYS B 399 -25.93 -17.73 -16.54
N VAL B 400 -26.80 -17.40 -17.49
CA VAL B 400 -26.45 -17.51 -18.90
C VAL B 400 -26.70 -16.23 -19.68
N ASP B 401 -27.58 -15.33 -19.23
CA ASP B 401 -27.99 -14.18 -20.03
C ASP B 401 -26.82 -13.24 -20.30
N THR B 402 -26.32 -12.59 -19.26
CA THR B 402 -25.27 -11.59 -19.44
C THR B 402 -23.90 -12.12 -19.04
N ASN B 403 -23.85 -13.03 -18.06
CA ASN B 403 -22.57 -13.52 -17.57
C ASN B 403 -21.97 -14.52 -18.55
N ARG B 404 -22.66 -15.63 -18.79
CA ARG B 404 -22.05 -16.70 -19.56
C ARG B 404 -21.92 -16.34 -21.03
N LEU B 405 -22.83 -15.50 -21.54
CA LEU B 405 -22.68 -15.00 -22.90
C LEU B 405 -21.52 -14.04 -23.03
N GLY B 406 -21.04 -13.48 -21.92
CA GLY B 406 -19.97 -12.51 -21.96
C GLY B 406 -18.59 -13.15 -21.97
N TYR B 407 -18.38 -14.14 -21.09
CA TYR B 407 -17.09 -14.80 -21.02
C TYR B 407 -17.06 -16.13 -21.77
N GLY B 408 -18.17 -16.53 -22.40
CA GLY B 408 -18.20 -17.74 -23.17
C GLY B 408 -17.11 -17.84 -24.22
N PRO B 409 -17.00 -16.83 -25.09
CA PRO B 409 -15.94 -16.86 -26.11
C PRO B 409 -14.52 -16.82 -25.54
N TYR B 410 -14.35 -16.43 -24.27
CA TYR B 410 -13.02 -16.27 -23.70
C TYR B 410 -12.50 -17.52 -23.00
N LEU B 411 -13.38 -18.46 -22.64
CA LEU B 411 -12.90 -19.71 -22.06
C LEU B 411 -12.36 -20.65 -23.12
N THR B 412 -12.87 -20.56 -24.34
CA THR B 412 -12.46 -21.48 -25.41
C THR B 412 -11.04 -21.21 -25.91
N LEU B 413 -10.53 -19.99 -25.73
CA LEU B 413 -9.28 -19.59 -26.37
C LEU B 413 -8.08 -20.41 -25.91
N ILE B 414 -8.17 -21.13 -24.80
CA ILE B 414 -7.02 -21.78 -24.20
C ILE B 414 -7.48 -23.12 -23.64
N ASP B 415 -6.62 -24.12 -23.71
CA ASP B 415 -7.01 -25.46 -23.29
C ASP B 415 -7.29 -25.49 -21.79
N PRO B 416 -8.17 -26.40 -21.34
CA PRO B 416 -8.63 -26.31 -19.94
C PRO B 416 -7.56 -26.63 -18.91
N GLY B 417 -6.69 -27.59 -19.18
CA GLY B 417 -5.66 -27.93 -18.21
C GLY B 417 -4.74 -26.76 -17.91
N LYS B 418 -4.44 -25.96 -18.93
CA LYS B 418 -3.67 -24.75 -18.71
C LYS B 418 -4.36 -23.82 -17.74
N MET B 419 -5.68 -23.65 -17.90
CA MET B 419 -6.42 -22.78 -17.00
C MET B 419 -6.42 -23.32 -15.57
N CYS B 420 -6.52 -24.65 -15.42
CA CYS B 420 -6.49 -25.23 -14.08
C CYS B 420 -5.13 -24.99 -13.42
N VAL B 421 -4.05 -25.28 -14.14
CA VAL B 421 -2.72 -25.06 -13.57
C VAL B 421 -2.51 -23.59 -13.26
N ILE B 422 -3.02 -22.71 -14.12
CA ILE B 422 -2.82 -21.27 -13.93
C ILE B 422 -3.55 -20.80 -12.69
N THR B 423 -4.79 -21.24 -12.48
CA THR B 423 -5.50 -20.77 -11.29
C THR B 423 -4.88 -21.33 -10.02
N ILE B 424 -4.48 -22.60 -10.03
CA ILE B 424 -3.82 -23.16 -8.85
C ILE B 424 -2.55 -22.39 -8.52
N LEU B 425 -1.70 -22.16 -9.53
CA LEU B 425 -0.44 -21.47 -9.30
C LEU B 425 -0.67 -20.03 -8.84
N GLU B 426 -1.56 -19.30 -9.51
CA GLU B 426 -1.77 -17.90 -9.19
C GLU B 426 -2.42 -17.72 -7.84
N LEU B 427 -3.14 -18.72 -7.33
CA LEU B 427 -3.60 -18.60 -5.96
C LEU B 427 -2.50 -18.96 -4.97
N LEU B 428 -1.64 -19.93 -5.31
CA LEU B 428 -0.53 -20.26 -4.42
C LEU B 428 0.44 -19.09 -4.26
N LYS B 429 0.68 -18.34 -5.34
CA LYS B 429 1.61 -17.23 -5.28
C LYS B 429 1.13 -16.12 -4.36
N LEU B 430 -0.19 -15.95 -4.22
CA LEU B 430 -0.77 -14.83 -3.51
C LEU B 430 -0.97 -15.08 -2.04
N ASN B 431 -0.35 -16.11 -1.49
CA ASN B 431 -0.50 -16.40 -0.06
C ASN B 431 0.02 -15.25 0.77
N SER B 432 -0.82 -14.79 1.71
CA SER B 432 -0.46 -13.75 2.68
C SER B 432 -0.08 -12.44 1.98
N THR B 433 -1.05 -11.89 1.25
CA THR B 433 -0.87 -10.62 0.56
C THR B 433 -2.07 -9.71 0.82
N GLY B 434 -1.91 -8.45 0.47
CA GLY B 434 -2.99 -7.50 0.52
C GLY B 434 -3.48 -7.14 1.90
N GLY B 435 -2.80 -7.58 2.96
CA GLY B 435 -3.22 -7.33 4.31
C GLY B 435 -3.91 -8.49 4.97
N VAL B 436 -4.42 -9.44 4.19
CA VAL B 436 -5.05 -10.63 4.74
C VAL B 436 -4.00 -11.48 5.44
N ILE B 437 -4.40 -12.12 6.54
CA ILE B 437 -3.41 -12.78 7.40
C ILE B 437 -2.88 -14.04 6.75
N GLU B 438 -3.77 -14.90 6.24
CA GLU B 438 -3.33 -16.12 5.58
C GLU B 438 -4.09 -16.32 4.28
N GLY B 439 -4.21 -15.26 3.52
CA GLY B 439 -4.86 -15.36 2.24
C GLY B 439 -4.58 -14.15 1.40
N MET B 440 -5.46 -13.91 0.44
CA MET B 440 -5.33 -12.80 -0.48
C MET B 440 -6.63 -12.02 -0.52
N ARG B 441 -6.60 -10.90 -1.23
CA ARG B 441 -7.82 -10.18 -1.55
C ARG B 441 -8.45 -10.76 -2.80
N THR B 442 -9.78 -10.79 -2.83
CA THR B 442 -10.45 -11.49 -3.93
C THR B 442 -10.33 -10.72 -5.23
N ALA B 443 -10.34 -9.39 -5.17
CA ALA B 443 -10.17 -8.60 -6.39
C ALA B 443 -8.83 -8.88 -7.05
N ARG B 444 -7.76 -8.83 -6.25
CA ARG B 444 -6.43 -9.11 -6.77
C ARG B 444 -6.34 -10.52 -7.32
N ALA B 445 -6.98 -11.49 -6.65
CA ALA B 445 -6.89 -12.87 -7.10
C ALA B 445 -7.61 -13.08 -8.42
N VAL B 446 -8.84 -12.56 -8.53
CA VAL B 446 -9.61 -12.75 -9.75
C VAL B 446 -8.91 -12.08 -10.93
N ILE B 447 -8.32 -10.91 -10.68
CA ILE B 447 -7.64 -10.21 -11.77
C ILE B 447 -6.34 -10.91 -12.12
N SER B 448 -5.61 -11.42 -11.12
CA SER B 448 -4.37 -12.11 -11.41
C SER B 448 -4.63 -13.37 -12.23
N VAL B 449 -5.66 -14.13 -11.88
CA VAL B 449 -5.94 -15.35 -12.63
C VAL B 449 -6.41 -15.02 -14.03
N GLY B 450 -7.32 -14.06 -14.18
CA GLY B 450 -7.77 -13.71 -15.52
C GLY B 450 -6.64 -13.15 -16.38
N LYS B 451 -5.77 -12.35 -15.79
CA LYS B 451 -4.66 -11.77 -16.56
C LYS B 451 -3.63 -12.83 -16.91
N ALA B 452 -3.39 -13.79 -16.02
CA ALA B 452 -2.47 -14.87 -16.35
C ALA B 452 -3.02 -15.73 -17.48
N ILE B 453 -4.34 -15.94 -17.50
CA ILE B 453 -4.93 -16.66 -18.62
C ILE B 453 -4.80 -15.86 -19.91
N GLU B 454 -5.02 -14.55 -19.84
CA GLU B 454 -4.84 -13.69 -21.01
C GLU B 454 -3.41 -13.74 -21.52
N MET B 455 -2.44 -13.68 -20.63
CA MET B 455 -1.04 -13.72 -21.03
C MET B 455 -0.68 -15.07 -21.61
N GLU B 456 -1.22 -16.15 -21.07
CA GLU B 456 -0.93 -17.46 -21.63
C GLU B 456 -1.53 -17.60 -23.03
N PHE B 457 -2.75 -17.10 -23.23
CA PHE B 457 -3.35 -17.12 -24.55
C PHE B 457 -2.54 -16.30 -25.54
N ARG B 458 -2.12 -15.10 -25.14
CA ARG B 458 -1.39 -14.24 -26.07
C ARG B 458 0.02 -14.77 -26.33
N SER B 459 0.62 -15.46 -25.36
CA SER B 459 1.87 -16.15 -25.62
C SER B 459 1.67 -17.27 -26.64
N GLU B 460 0.61 -18.06 -26.47
CA GLU B 460 0.28 -19.08 -27.46
C GLU B 460 0.08 -18.47 -28.83
N GLN B 461 -0.57 -17.30 -28.90
CA GLN B 461 -0.80 -16.66 -30.18
C GLN B 461 0.50 -16.18 -30.81
N VAL B 462 1.40 -15.61 -30.01
CA VAL B 462 2.69 -15.19 -30.53
C VAL B 462 3.47 -16.38 -31.06
N LEU B 463 3.46 -17.49 -30.32
CA LEU B 463 4.18 -18.68 -30.77
C LEU B 463 3.57 -19.23 -32.06
N LYS B 464 2.24 -19.28 -32.13
CA LYS B 464 1.57 -19.74 -33.33
C LYS B 464 1.89 -18.83 -34.52
N SER B 465 1.98 -17.53 -34.27
CA SER B 465 2.25 -16.59 -35.36
C SER B 465 3.68 -16.73 -35.87
N GLU B 466 4.64 -16.92 -34.96
CA GLU B 466 6.01 -17.19 -35.40
C GLU B 466 6.12 -18.53 -36.11
N SER B 467 5.32 -19.52 -35.71
CA SER B 467 5.41 -20.83 -36.33
C SER B 467 4.78 -20.85 -37.73
N GLN B 468 3.63 -20.20 -37.89
CA GLN B 468 2.92 -20.23 -39.17
C GLN B 468 3.58 -19.33 -40.22
N ALA B 469 4.41 -18.38 -39.82
CA ALA B 469 5.05 -17.48 -40.76
C ALA B 469 6.12 -18.21 -41.57
N LYS B 500 -11.21 -10.25 -27.86
CA LYS B 500 -10.53 -8.97 -27.81
C LYS B 500 -9.04 -9.14 -28.03
N ILE B 501 -8.36 -8.04 -28.35
CA ILE B 501 -6.90 -8.05 -28.39
C ILE B 501 -6.32 -7.98 -26.98
N LEU B 502 -6.84 -7.06 -26.17
CA LEU B 502 -6.53 -6.98 -24.74
C LEU B 502 -7.86 -7.05 -24.00
N TRP B 503 -8.07 -8.12 -23.27
CA TRP B 503 -9.35 -8.34 -22.62
C TRP B 503 -9.64 -7.21 -21.63
N PRO B 504 -10.88 -6.74 -21.53
CA PRO B 504 -11.22 -5.72 -20.54
C PRO B 504 -11.03 -6.25 -19.13
N GLN B 505 -11.02 -5.33 -18.16
CA GLN B 505 -10.89 -5.74 -16.77
C GLN B 505 -12.10 -6.53 -16.33
N SER B 506 -13.29 -6.22 -16.86
CA SER B 506 -14.49 -6.95 -16.46
C SER B 506 -14.38 -8.41 -16.86
N ILE B 507 -13.87 -8.68 -18.06
CA ILE B 507 -13.74 -10.07 -18.51
C ILE B 507 -12.66 -10.79 -17.71
N ARG B 508 -11.57 -10.10 -17.40
CA ARG B 508 -10.52 -10.68 -16.56
C ARG B 508 -11.09 -11.08 -15.21
N ALA B 509 -11.81 -10.16 -14.56
CA ALA B 509 -12.41 -10.44 -13.27
C ALA B 509 -13.39 -11.60 -13.34
N ARG B 510 -14.31 -11.57 -14.29
CA ARG B 510 -15.31 -12.63 -14.41
C ARG B 510 -14.67 -13.99 -14.70
N ILE B 511 -13.69 -14.04 -15.60
CA ILE B 511 -13.04 -15.31 -15.92
C ILE B 511 -12.28 -15.84 -14.72
N GLY B 512 -11.55 -14.97 -14.01
CA GLY B 512 -10.80 -15.41 -12.86
C GLY B 512 -11.71 -15.93 -11.77
N SER B 513 -12.80 -15.20 -11.51
CA SER B 513 -13.72 -15.62 -10.46
C SER B 513 -14.37 -16.95 -10.82
N VAL B 514 -14.70 -17.15 -12.09
CA VAL B 514 -15.32 -18.40 -12.51
C VAL B 514 -14.37 -19.57 -12.27
N LEU B 515 -13.11 -19.42 -12.64
CA LEU B 515 -12.15 -20.51 -12.43
C LEU B 515 -11.84 -20.74 -10.95
N ILE B 516 -11.62 -19.68 -10.18
CA ILE B 516 -11.29 -19.90 -8.77
C ILE B 516 -12.48 -20.47 -8.03
N SER B 517 -13.71 -20.18 -8.46
CA SER B 517 -14.86 -20.79 -7.81
C SER B 517 -14.74 -22.32 -7.82
N MET B 518 -14.52 -22.89 -9.01
CA MET B 518 -14.34 -24.34 -9.12
C MET B 518 -13.17 -24.82 -8.28
N LEU B 519 -12.07 -24.06 -8.27
CA LEU B 519 -10.94 -24.48 -7.45
C LEU B 519 -11.31 -24.48 -5.97
N ILE B 520 -12.06 -23.47 -5.53
CA ILE B 520 -12.55 -23.43 -4.17
C ILE B 520 -13.36 -24.66 -3.85
N GLN B 521 -14.19 -25.11 -4.80
CA GLN B 521 -15.13 -26.18 -4.48
C GLN B 521 -14.59 -27.57 -4.80
N VAL B 522 -13.35 -27.70 -5.25
CA VAL B 522 -12.73 -29.02 -5.32
C VAL B 522 -11.53 -29.18 -4.39
N ALA B 523 -10.97 -28.11 -3.86
CA ALA B 523 -9.75 -28.20 -3.07
C ALA B 523 -10.11 -28.58 -1.63
N LYS B 524 -9.70 -29.77 -1.21
CA LYS B 524 -9.92 -30.26 0.15
C LYS B 524 -8.59 -30.58 0.82
N VAL B 525 -8.53 -30.37 2.13
CA VAL B 525 -7.40 -30.75 2.95
C VAL B 525 -7.93 -31.37 4.23
N SER B 526 -7.21 -32.36 4.75
CA SER B 526 -7.60 -33.06 5.96
C SER B 526 -7.04 -32.35 7.18
N VAL B 527 -7.90 -32.10 8.17
CA VAL B 527 -7.57 -31.28 9.32
C VAL B 527 -8.02 -31.99 10.58
N GLN B 528 -7.30 -31.74 11.67
CA GLN B 528 -7.55 -32.32 12.98
C GLN B 528 -8.05 -31.25 13.93
N GLY B 529 -8.80 -31.68 14.95
CA GLY B 529 -9.29 -30.75 15.96
C GLY B 529 -9.85 -31.46 17.18
N VAL B 530 -9.81 -30.80 18.32
CA VAL B 530 -10.29 -31.36 19.58
C VAL B 530 -11.62 -30.67 19.92
N ASP B 531 -12.70 -31.44 19.93
CA ASP B 531 -14.00 -30.87 20.21
C ASP B 531 -14.06 -30.35 21.64
N PRO B 532 -14.85 -29.30 21.88
CA PRO B 532 -14.94 -28.76 23.24
C PRO B 532 -15.92 -29.52 24.11
N VAL B 533 -16.90 -30.17 23.49
CA VAL B 533 -17.94 -30.84 24.25
C VAL B 533 -17.48 -32.21 24.76
N THR B 534 -16.52 -32.84 24.08
CA THR B 534 -16.08 -34.17 24.47
C THR B 534 -14.57 -34.35 24.49
N LYS B 535 -13.80 -33.42 23.92
CA LYS B 535 -12.33 -33.44 23.93
C LYS B 535 -11.77 -34.66 23.19
N ALA B 536 -12.51 -35.15 22.21
CA ALA B 536 -12.06 -36.29 21.40
C ALA B 536 -11.37 -35.77 20.15
N LYS B 537 -10.11 -36.15 19.96
CA LYS B 537 -9.36 -35.74 18.79
C LYS B 537 -10.01 -36.29 17.53
N VAL B 538 -10.61 -35.43 16.71
CA VAL B 538 -11.37 -35.84 15.54
C VAL B 538 -10.74 -35.23 14.29
N HIS B 539 -10.83 -35.97 13.19
CA HIS B 539 -10.27 -35.60 11.92
C HIS B 539 -11.39 -35.43 10.90
N GLY B 540 -11.11 -34.69 9.84
CA GLY B 540 -12.09 -34.54 8.78
C GLY B 540 -11.58 -33.66 7.65
N GLU B 541 -12.25 -33.78 6.51
CA GLU B 541 -11.92 -32.97 5.35
C GLU B 541 -12.53 -31.58 5.48
N ALA B 542 -11.86 -30.60 4.89
CA ALA B 542 -12.31 -29.22 4.93
C ALA B 542 -11.78 -28.52 3.69
N PRO B 543 -12.54 -27.59 3.12
CA PRO B 543 -12.06 -26.89 1.92
C PRO B 543 -10.76 -26.14 2.20
N ALA B 544 -9.84 -26.22 1.24
CA ALA B 544 -8.54 -25.58 1.42
C ALA B 544 -8.64 -24.07 1.33
N PHE B 545 -9.60 -23.55 0.58
CA PHE B 545 -9.82 -22.13 0.42
C PHE B 545 -11.23 -21.77 0.85
N ALA B 546 -11.40 -20.55 1.30
CA ALA B 546 -12.72 -20.04 1.64
C ALA B 546 -12.81 -18.58 1.23
N HIS B 547 -13.99 -18.19 0.80
CA HIS B 547 -14.24 -16.80 0.42
C HIS B 547 -15.05 -16.14 1.52
N GLY B 548 -14.47 -15.14 2.15
CA GLY B 548 -15.17 -14.42 3.19
C GLY B 548 -15.00 -12.93 3.05
N TYR B 549 -15.33 -12.18 4.08
CA TYR B 549 -15.16 -10.74 4.08
C TYR B 549 -14.50 -10.32 5.38
N GLN B 550 -13.98 -9.10 5.39
CA GLN B 550 -13.41 -8.52 6.61
C GLN B 550 -13.64 -7.03 6.58
N TYR B 551 -14.03 -6.47 7.72
CA TYR B 551 -14.20 -5.03 7.83
C TYR B 551 -12.86 -4.42 8.22
N HIS B 552 -12.39 -3.48 7.41
CA HIS B 552 -11.21 -2.69 7.75
C HIS B 552 -11.61 -1.23 7.81
N ASN B 553 -11.46 -0.63 8.98
CA ASN B 553 -11.79 0.78 9.19
C ASN B 553 -13.23 1.07 8.78
N GLY B 554 -14.10 0.08 8.92
CA GLY B 554 -15.50 0.26 8.63
C GLY B 554 -15.85 0.18 7.16
N SER B 555 -15.23 -0.73 6.42
CA SER B 555 -15.54 -0.88 4.99
C SER B 555 -15.10 -2.27 4.56
N LYS B 556 -16.07 -3.14 4.31
CA LYS B 556 -15.76 -4.54 4.07
C LYS B 556 -14.96 -4.72 2.79
N LEU B 557 -14.07 -5.71 2.82
CA LEU B 557 -13.37 -6.18 1.65
C LEU B 557 -13.43 -7.70 1.62
N GLY B 558 -13.66 -8.25 0.43
CA GLY B 558 -13.71 -9.68 0.28
C GLY B 558 -12.32 -10.27 0.21
N VAL B 559 -12.15 -11.41 0.87
CA VAL B 559 -10.86 -12.06 1.02
C VAL B 559 -11.02 -13.54 0.71
N LEU B 560 -9.90 -14.16 0.32
CA LEU B 560 -9.80 -15.59 0.12
C LEU B 560 -8.79 -16.12 1.12
N LYS B 561 -9.26 -16.89 2.09
CA LYS B 561 -8.40 -17.44 3.12
C LYS B 561 -7.97 -18.84 2.75
N ILE B 562 -6.73 -19.18 3.07
CA ILE B 562 -6.13 -20.47 2.80
C ILE B 562 -6.05 -21.26 4.10
N HIS B 563 -6.39 -22.54 4.03
CA HIS B 563 -6.39 -23.36 5.23
C HIS B 563 -4.99 -23.47 5.82
N LYS B 564 -4.94 -23.56 7.15
CA LYS B 564 -3.65 -23.56 7.84
C LYS B 564 -2.83 -24.80 7.51
N THR B 565 -3.50 -25.92 7.28
CA THR B 565 -2.81 -27.13 6.84
C THR B 565 -2.05 -26.88 5.56
N LEU B 566 -2.58 -26.05 4.67
CA LEU B 566 -1.88 -25.68 3.46
C LEU B 566 -0.86 -24.59 3.72
N ILE B 567 -1.11 -23.72 4.70
CA ILE B 567 -0.18 -22.65 5.04
C ILE B 567 1.13 -23.24 5.52
N ARG B 568 1.06 -24.35 6.27
CA ARG B 568 2.28 -25.01 6.75
C ARG B 568 3.21 -25.38 5.61
N GLN B 569 2.66 -25.70 4.44
CA GLN B 569 3.44 -26.10 3.29
C GLN B 569 3.71 -24.96 2.32
N LEU B 570 2.96 -23.87 2.44
CA LEU B 570 3.27 -22.70 1.62
C LEU B 570 4.42 -21.91 2.23
N ASN B 571 4.49 -21.87 3.55
CA ASN B 571 5.59 -21.27 4.28
C ASN B 571 6.57 -22.36 4.71
N GLY B 572 7.00 -23.14 3.71
CA GLY B 572 7.86 -24.27 3.94
C GLY B 572 9.03 -24.26 2.98
N GLU B 573 10.04 -25.07 3.34
CA GLU B 573 11.26 -25.13 2.56
C GLU B 573 11.05 -25.67 1.14
N ARG B 574 10.01 -26.48 0.94
CA ARG B 574 9.76 -27.10 -0.37
C ARG B 574 8.79 -26.32 -1.24
N LEU B 575 8.51 -25.06 -0.90
CA LEU B 575 7.59 -24.26 -1.70
C LEU B 575 8.09 -24.10 -3.14
N ILE B 576 9.41 -24.02 -3.32
CA ILE B 576 9.96 -23.85 -4.66
C ILE B 576 9.62 -25.03 -5.55
N ALA B 577 9.49 -26.23 -5.00
CA ALA B 577 9.11 -27.37 -5.82
C ALA B 577 7.72 -27.19 -6.40
N SER B 578 6.77 -26.74 -5.59
CA SER B 578 5.41 -26.54 -6.07
C SER B 578 5.32 -25.38 -7.05
N VAL B 579 5.78 -24.20 -6.63
CA VAL B 579 5.72 -23.00 -7.45
C VAL B 579 7.10 -22.58 -7.89
N GLN B 580 7.51 -23.02 -9.07
CA GLN B 580 8.84 -22.70 -9.57
C GLN B 580 8.87 -21.28 -10.14
N PRO B 581 10.06 -20.67 -10.20
CA PRO B 581 10.15 -19.30 -10.72
C PRO B 581 10.39 -19.27 -12.23
N GLN B 582 9.45 -18.68 -12.97
CA GLN B 582 9.57 -18.61 -14.41
C GLN B 582 10.76 -17.78 -14.88
N LEU B 583 11.00 -16.65 -14.23
CA LEU B 583 12.10 -15.77 -14.59
C LEU B 583 13.27 -16.03 -13.65
N LEU B 584 14.22 -16.83 -14.10
CA LEU B 584 15.46 -17.12 -13.42
C LEU B 584 16.63 -16.57 -14.21
N PRO B 585 17.80 -16.40 -13.59
CA PRO B 585 18.94 -15.90 -14.36
C PRO B 585 19.27 -16.89 -15.47
N MET B 586 19.53 -16.36 -16.66
CA MET B 586 19.81 -17.27 -17.75
C MET B 586 21.26 -17.76 -17.69
N LEU B 587 21.49 -18.91 -18.30
CA LEU B 587 22.81 -19.52 -18.37
C LEU B 587 23.57 -19.18 -19.64
N VAL B 588 22.91 -18.56 -20.61
CA VAL B 588 23.50 -18.19 -21.87
C VAL B 588 23.38 -16.67 -21.99
N GLU B 589 24.23 -16.09 -22.82
CA GLU B 589 24.26 -14.64 -22.90
C GLU B 589 22.90 -14.13 -23.35
N PRO B 590 22.39 -13.07 -22.73
CA PRO B 590 21.06 -12.57 -23.09
C PRO B 590 21.01 -12.05 -24.51
N LYS B 591 19.84 -12.17 -25.11
CA LYS B 591 19.62 -11.66 -26.45
C LYS B 591 19.80 -10.14 -26.41
N PRO B 592 20.57 -9.56 -27.33
CA PRO B 592 20.78 -8.11 -27.29
C PRO B 592 19.49 -7.37 -27.61
N TRP B 593 19.29 -6.23 -26.95
CA TRP B 593 18.11 -5.44 -27.21
C TRP B 593 18.28 -4.72 -28.53
N VAL B 594 17.37 -4.96 -29.47
CA VAL B 594 17.41 -4.29 -30.76
C VAL B 594 16.19 -3.41 -30.99
N ASN B 595 15.12 -3.60 -30.23
CA ASN B 595 13.91 -2.82 -30.30
C ASN B 595 13.24 -2.98 -28.93
N TRP B 596 12.21 -2.18 -28.71
CA TRP B 596 11.54 -2.17 -27.40
C TRP B 596 10.95 -3.52 -27.05
N ARG B 597 10.43 -4.26 -28.02
CA ARG B 597 9.78 -5.53 -27.69
C ARG B 597 10.67 -6.77 -27.76
N SER B 598 11.90 -6.70 -28.24
CA SER B 598 12.74 -7.89 -28.39
C SER B 598 14.07 -7.72 -27.67
N GLY B 599 14.44 -8.74 -26.92
CA GLY B 599 15.69 -8.73 -26.19
C GLY B 599 15.57 -9.57 -24.93
N GLY B 600 16.68 -9.66 -24.21
CA GLY B 600 16.67 -10.40 -22.97
C GLY B 600 16.59 -11.90 -23.14
N TYR B 601 15.49 -12.51 -22.67
CA TYR B 601 15.34 -13.95 -22.73
C TYR B 601 15.27 -14.45 -24.17
N HIS B 602 15.97 -15.56 -24.42
CA HIS B 602 16.00 -16.15 -25.76
C HIS B 602 14.62 -16.65 -26.18
N TYR B 603 13.89 -17.31 -25.30
CA TYR B 603 12.59 -17.86 -25.65
C TYR B 603 11.44 -17.03 -25.09
N THR B 604 11.51 -16.67 -23.81
CA THR B 604 10.47 -15.84 -23.23
C THR B 604 10.53 -14.47 -23.89
N GLN B 605 9.38 -13.87 -24.16
CA GLN B 605 9.33 -12.57 -24.82
C GLN B 605 9.00 -11.51 -23.79
N SER B 606 9.85 -10.50 -23.68
CA SER B 606 9.65 -9.45 -22.70
C SER B 606 9.80 -8.07 -23.33
N THR B 607 9.06 -7.12 -22.77
CA THR B 607 9.00 -5.72 -23.15
C THR B 607 10.17 -4.94 -22.54
N LEU B 608 10.39 -3.74 -23.04
CA LEU B 608 11.49 -2.90 -22.54
C LEU B 608 11.10 -2.06 -21.33
N LEU B 609 9.85 -2.10 -20.90
CA LEU B 609 9.40 -1.35 -19.73
C LEU B 609 8.83 -2.30 -18.69
N ARG B 610 9.30 -2.17 -17.46
CA ARG B 610 8.78 -3.03 -16.39
C ARG B 610 7.31 -2.75 -16.10
N THR B 611 6.90 -1.49 -16.21
CA THR B 611 5.54 -1.08 -15.89
C THR B 611 4.61 -1.19 -17.10
N LYS B 612 3.59 -2.05 -16.98
CA LYS B 612 2.59 -2.22 -18.03
C LYS B 612 1.25 -1.57 -17.73
N ASP B 613 1.07 -1.01 -16.54
CA ASP B 613 -0.22 -0.42 -16.17
C ASP B 613 -0.59 0.77 -17.03
N SER B 614 0.38 1.58 -17.43
CA SER B 614 0.07 2.80 -18.17
C SER B 614 0.16 2.58 -19.67
N PRO B 615 -0.95 2.71 -20.39
CA PRO B 615 -0.92 2.59 -21.87
C PRO B 615 -0.14 3.69 -22.55
N GLU B 616 -0.22 4.93 -22.04
CA GLU B 616 0.45 6.06 -22.67
C GLU B 616 1.97 5.88 -22.67
N GLN B 617 2.52 5.38 -21.58
CA GLN B 617 3.97 5.21 -21.52
C GLN B 617 4.42 4.23 -22.59
N VAL B 618 3.69 3.13 -22.73
CA VAL B 618 4.05 2.14 -23.74
C VAL B 618 3.88 2.73 -25.13
N ALA B 619 2.86 3.56 -25.33
CA ALA B 619 2.62 4.15 -26.65
C ALA B 619 3.81 5.02 -27.06
N TYR B 620 4.27 5.87 -26.14
CA TYR B 620 5.41 6.74 -26.44
C TYR B 620 6.67 5.91 -26.61
N LEU B 621 6.86 4.89 -25.77
CA LEU B 621 8.04 4.05 -25.88
C LEU B 621 8.07 3.37 -27.24
N LYS B 622 6.91 2.89 -27.71
CA LYS B 622 6.84 2.23 -29.01
C LYS B 622 7.18 3.21 -30.12
N ALA B 623 6.66 4.44 -30.04
CA ALA B 623 6.96 5.41 -31.08
C ALA B 623 8.45 5.73 -31.10
N ALA B 624 9.05 5.93 -29.92
CA ALA B 624 10.48 6.22 -29.85
C ALA B 624 11.30 5.07 -30.38
N SER B 625 10.90 3.83 -30.05
CA SER B 625 11.63 2.67 -30.56
C SER B 625 11.53 2.62 -32.07
N ASP B 626 10.34 2.94 -32.61
CA ASP B 626 10.17 2.90 -34.06
C ASP B 626 11.09 3.89 -34.73
N ASN B 627 11.24 5.08 -34.14
CA ASN B 627 12.14 6.08 -34.69
C ASN B 627 13.59 5.60 -34.63
N GLY B 628 13.94 4.82 -33.62
CA GLY B 628 15.30 4.36 -33.44
C GLY B 628 16.23 5.30 -32.71
N ASP B 629 15.70 6.24 -31.95
CA ASP B 629 16.51 7.21 -31.23
C ASP B 629 16.96 6.73 -29.84
N ILE B 630 16.58 5.53 -29.41
CA ILE B 630 16.97 5.01 -28.11
C ILE B 630 18.17 4.05 -28.19
N ASP B 631 18.85 4.00 -29.33
CA ASP B 631 19.99 3.09 -29.51
C ASP B 631 20.99 3.15 -28.36
N ARG B 632 21.16 4.32 -27.75
CA ARG B 632 22.09 4.42 -26.63
C ARG B 632 21.54 3.68 -25.41
N VAL B 633 20.22 3.71 -25.24
CA VAL B 633 19.61 2.98 -24.13
C VAL B 633 19.89 1.50 -24.32
N TYR B 634 19.78 1.01 -25.57
CA TYR B 634 20.07 -0.38 -25.82
C TYR B 634 21.52 -0.69 -25.51
N ASP B 635 22.42 0.23 -25.88
CA ASP B 635 23.85 -0.03 -25.65
C ASP B 635 24.13 -0.22 -24.17
N GLY B 636 23.52 0.63 -23.34
CA GLY B 636 23.70 0.49 -21.91
C GLY B 636 23.07 -0.79 -21.38
N LEU B 637 21.86 -1.11 -21.83
CA LEU B 637 21.17 -2.30 -21.33
C LEU B 637 21.90 -3.58 -21.73
N ASN B 638 22.48 -3.59 -22.94
CA ASN B 638 23.19 -4.76 -23.40
C ASN B 638 24.52 -4.92 -22.69
N VAL B 639 25.16 -3.83 -22.30
CA VAL B 639 26.38 -4.00 -21.51
C VAL B 639 26.03 -4.42 -20.08
N LEU B 640 24.94 -3.89 -19.53
CA LEU B 640 24.49 -4.31 -18.21
C LEU B 640 24.11 -5.78 -18.17
N GLY B 641 23.59 -6.31 -19.27
CA GLY B 641 23.11 -7.67 -19.30
C GLY B 641 24.16 -8.72 -19.62
N ARG B 642 25.23 -8.35 -20.31
CA ARG B 642 26.23 -9.30 -20.78
C ARG B 642 27.34 -9.54 -19.77
N THR B 643 27.12 -9.24 -18.49
CA THR B 643 28.14 -9.48 -17.48
C THR B 643 27.84 -10.80 -16.77
N PRO B 644 28.75 -11.77 -16.83
CA PRO B 644 28.50 -13.07 -16.20
C PRO B 644 28.82 -13.08 -14.71
N TRP B 645 27.86 -13.52 -13.91
CA TRP B 645 28.04 -13.67 -12.48
C TRP B 645 28.20 -15.14 -12.10
N THR B 646 28.34 -15.39 -10.80
CA THR B 646 28.45 -16.74 -10.27
C THR B 646 28.21 -16.67 -8.76
N VAL B 647 27.56 -17.68 -8.21
CA VAL B 647 27.26 -17.69 -6.79
C VAL B 647 28.56 -17.85 -5.99
N ASN B 648 28.69 -17.06 -4.93
CA ASN B 648 29.85 -17.12 -4.03
C ASN B 648 29.68 -18.33 -3.15
N ARG B 649 30.37 -19.42 -3.47
CA ARG B 649 30.23 -20.66 -2.72
C ARG B 649 30.68 -20.50 -1.28
N LYS B 650 31.78 -19.77 -1.05
CA LYS B 650 32.28 -19.63 0.32
C LYS B 650 31.24 -18.97 1.21
N VAL B 651 30.64 -17.88 0.73
CA VAL B 651 29.60 -17.20 1.49
C VAL B 651 28.36 -18.09 1.56
N PHE B 652 28.08 -18.81 0.49
CA PHE B 652 26.90 -19.66 0.44
C PHE B 652 26.93 -20.69 1.55
N ASP B 653 28.09 -21.29 1.80
CA ASP B 653 28.18 -22.31 2.85
C ASP B 653 27.86 -21.71 4.21
N VAL B 654 28.39 -20.53 4.51
CA VAL B 654 28.14 -19.89 5.80
C VAL B 654 26.67 -19.54 5.95
N VAL B 655 26.06 -18.95 4.90
CA VAL B 655 24.65 -18.62 5.02
C VAL B 655 23.82 -19.87 5.14
N SER B 656 24.23 -20.96 4.49
CA SER B 656 23.47 -22.20 4.57
C SER B 656 23.55 -22.78 5.97
N GLN B 657 24.74 -22.70 6.59
CA GLN B 657 24.89 -23.20 7.95
C GLN B 657 24.01 -22.41 8.90
N VAL B 658 24.05 -21.09 8.79
CA VAL B 658 23.23 -20.25 9.65
C VAL B 658 21.77 -20.55 9.42
N TRP B 659 21.39 -20.76 8.15
CA TRP B 659 19.99 -21.03 7.83
C TRP B 659 19.52 -22.32 8.48
N ASN B 660 20.33 -23.37 8.39
CA ASN B 660 19.98 -24.65 8.98
C ASN B 660 19.94 -24.58 10.50
N LYS B 661 20.75 -23.71 11.09
CA LYS B 661 20.78 -23.59 12.56
C LYS B 661 19.41 -23.18 13.10
N GLY B 662 18.74 -22.27 12.44
CA GLY B 662 17.41 -21.82 12.78
C GLY B 662 17.31 -20.65 13.74
N GLU B 663 18.42 -20.22 14.33
CA GLU B 663 18.37 -19.06 15.21
C GLU B 663 18.39 -17.79 14.37
N GLY B 664 17.91 -16.69 14.95
CA GLY B 664 17.92 -15.45 14.21
C GLY B 664 19.28 -14.79 14.09
N PHE B 665 19.72 -14.58 12.86
CA PHE B 665 21.02 -14.01 12.56
C PHE B 665 20.83 -12.53 12.21
N LEU B 666 21.83 -11.91 11.60
CA LEU B 666 21.86 -10.46 11.47
C LEU B 666 20.54 -9.92 10.95
N ASP B 667 20.02 -10.50 9.88
CA ASP B 667 18.75 -10.09 9.31
C ASP B 667 17.78 -11.26 9.19
N ILE B 668 18.27 -12.48 9.24
CA ILE B 668 17.38 -13.65 9.18
C ILE B 668 16.53 -13.66 10.44
N PRO B 669 15.22 -13.87 10.34
CA PRO B 669 14.40 -13.82 11.56
C PRO B 669 14.56 -15.00 12.50
N GLY B 670 14.64 -16.21 11.97
CA GLY B 670 14.75 -17.38 12.83
C GLY B 670 13.44 -18.13 12.82
N ALA B 671 13.48 -19.45 12.69
CA ALA B 671 12.27 -20.24 12.57
C ALA B 671 11.40 -20.10 13.80
N GLN B 672 10.11 -19.84 13.57
CA GLN B 672 9.12 -19.75 14.64
C GLN B 672 7.95 -20.67 14.33
N ASP B 673 7.57 -21.50 15.29
CA ASP B 673 6.46 -22.43 15.06
C ASP B 673 5.14 -21.68 14.94
N GLU B 674 4.73 -20.98 16.00
CA GLU B 674 3.47 -20.28 16.03
C GLU B 674 3.65 -18.98 16.82
N MET B 675 2.77 -18.02 16.55
CA MET B 675 2.83 -16.75 17.25
C MET B 675 2.35 -16.92 18.68
N VAL B 676 3.02 -16.25 19.60
CA VAL B 676 2.66 -16.29 21.01
C VAL B 676 2.06 -14.95 21.40
N LEU B 677 0.83 -14.99 21.79
CA LEU B 677 0.11 -13.79 22.18
C LEU B 677 0.17 -13.58 23.69
N PRO B 678 0.22 -12.33 24.15
CA PRO B 678 0.25 -12.09 25.58
C PRO B 678 -1.08 -12.44 26.20
N PRO B 679 -1.13 -12.76 27.49
CA PRO B 679 -2.39 -13.18 28.11
C PRO B 679 -3.45 -12.10 27.97
N ALA B 680 -4.64 -12.52 27.57
CA ALA B 680 -5.73 -11.57 27.36
C ALA B 680 -6.11 -10.90 28.67
N PRO B 681 -6.43 -9.62 28.66
CA PRO B 681 -6.84 -8.95 29.89
C PRO B 681 -8.27 -9.31 30.22
N PRO B 682 -8.70 -9.15 31.47
CA PRO B 682 -10.08 -9.49 31.81
C PRO B 682 -11.05 -8.64 31.01
N LYS B 683 -12.17 -9.25 30.63
CA LYS B 683 -13.17 -8.57 29.82
C LYS B 683 -13.75 -7.36 30.54
N ASN B 684 -13.82 -7.41 31.86
CA ASN B 684 -14.33 -6.31 32.66
C ASN B 684 -13.39 -5.11 32.70
N SER B 685 -12.15 -5.25 32.24
CA SER B 685 -11.23 -4.13 32.26
C SER B 685 -11.74 -3.01 31.36
N ASP B 686 -11.37 -1.78 31.71
CA ASP B 686 -11.89 -0.61 31.02
C ASP B 686 -11.45 -0.61 29.55
N PRO B 687 -12.20 0.10 28.70
CA PRO B 687 -11.96 0.01 27.25
C PRO B 687 -10.54 0.33 26.82
N SER B 688 -9.86 1.27 27.48
CA SER B 688 -8.49 1.60 27.08
C SER B 688 -7.57 0.40 27.20
N ILE B 689 -7.70 -0.38 28.26
CA ILE B 689 -6.87 -1.56 28.45
C ILE B 689 -7.13 -2.57 27.33
N LEU B 690 -8.40 -2.79 27.00
CA LEU B 690 -8.72 -3.72 25.92
C LEU B 690 -8.19 -3.20 24.60
N ARG B 691 -8.31 -1.90 24.34
CA ARG B 691 -7.83 -1.36 23.08
C ARG B 691 -6.33 -1.55 22.97
N ALA B 692 -5.62 -1.34 24.08
CA ALA B 692 -4.17 -1.53 24.07
C ALA B 692 -3.84 -2.98 23.78
N TRP B 693 -4.58 -3.91 24.39
CA TRP B 693 -4.31 -5.31 24.15
C TRP B 693 -4.55 -5.67 22.69
N LYS B 694 -5.63 -5.15 22.10
CA LYS B 694 -5.92 -5.43 20.70
C LYS B 694 -4.82 -4.92 19.81
N LEU B 695 -4.32 -3.72 20.11
CA LEU B 695 -3.23 -3.14 19.33
C LEU B 695 -1.98 -4.01 19.46
N GLN B 696 -1.70 -4.47 20.67
CA GLN B 696 -0.53 -5.33 20.89
C GLN B 696 -0.67 -6.62 20.11
N VAL B 697 -1.87 -7.19 20.08
CA VAL B 697 -2.09 -8.42 19.33
C VAL B 697 -1.82 -8.17 17.85
N LYS B 698 -2.26 -7.00 17.36
CA LYS B 698 -2.02 -6.66 15.97
C LYS B 698 -0.53 -6.56 15.70
N THR B 699 0.21 -5.94 16.62
CA THR B 699 1.65 -5.78 16.46
C THR B 699 2.36 -7.13 16.43
N ILE B 700 2.01 -8.01 17.37
CA ILE B 700 2.63 -9.33 17.43
C ILE B 700 2.32 -10.13 16.16
N ALA B 701 1.07 -10.04 15.69
CA ALA B 701 0.70 -10.75 14.47
C ALA B 701 1.46 -10.21 13.28
N ASN B 702 1.60 -8.88 13.20
CA ASN B 702 2.31 -8.28 12.09
C ASN B 702 3.77 -8.72 12.08
N LYS B 703 4.40 -8.72 13.25
CA LYS B 703 5.79 -9.15 13.32
C LYS B 703 5.92 -10.61 12.91
N PHE B 704 5.02 -11.46 13.38
CA PHE B 704 5.09 -12.88 13.06
C PHE B 704 4.94 -13.10 11.56
N SER B 705 3.97 -12.42 10.93
CA SER B 705 3.77 -12.54 9.49
C SER B 705 4.95 -11.97 8.74
N SER B 706 5.59 -10.94 9.30
CA SER B 706 6.74 -10.32 8.66
C SER B 706 7.90 -11.29 8.64
N ASP B 707 8.20 -11.90 9.79
CA ASP B 707 9.29 -12.85 9.87
C ASP B 707 9.02 -14.05 8.97
N ARG B 708 7.78 -14.54 8.93
CA ARG B 708 7.50 -15.70 8.07
C ARG B 708 7.74 -15.33 6.62
N SER B 709 7.31 -14.14 6.21
CA SER B 709 7.51 -13.71 4.83
C SER B 709 8.99 -13.58 4.51
N ASN B 710 9.76 -12.99 5.43
CA ASN B 710 11.20 -12.80 5.21
C ASN B 710 11.89 -14.15 5.11
N ARG B 711 11.56 -15.06 6.02
CA ARG B 711 12.19 -16.38 6.01
C ARG B 711 11.84 -17.14 4.74
N CYS B 712 10.61 -17.00 4.24
CA CYS B 712 10.22 -17.68 3.01
C CYS B 712 10.98 -17.10 1.82
N ASP B 713 11.07 -15.77 1.75
CA ASP B 713 11.82 -15.13 0.67
C ASP B 713 13.28 -15.56 0.69
N THR B 714 13.88 -15.60 1.88
CA THR B 714 15.27 -16.01 1.99
C THR B 714 15.43 -17.45 1.53
N ASN B 715 14.55 -18.34 1.95
CA ASN B 715 14.67 -19.74 1.55
C ASN B 715 14.53 -19.89 0.04
N TYR B 716 13.61 -19.12 -0.56
CA TYR B 716 13.44 -19.18 -2.00
C TYR B 716 14.71 -18.71 -2.71
N LYS B 717 15.30 -17.64 -2.20
CA LYS B 717 16.49 -17.08 -2.80
C LYS B 717 17.66 -18.05 -2.65
N LEU B 718 17.78 -18.70 -1.48
CA LEU B 718 18.86 -19.65 -1.30
C LEU B 718 18.66 -20.89 -2.15
N GLU B 719 17.41 -21.24 -2.46
CA GLU B 719 17.17 -22.39 -3.31
C GLU B 719 17.63 -22.08 -4.73
N ILE B 720 17.31 -20.88 -5.20
CA ILE B 720 17.74 -20.45 -6.53
C ILE B 720 19.27 -20.36 -6.56
N ALA B 721 19.87 -19.89 -5.47
CA ALA B 721 21.32 -19.78 -5.41
C ALA B 721 21.96 -21.17 -5.46
N ARG B 722 21.38 -22.13 -4.73
CA ARG B 722 21.92 -23.48 -4.69
C ARG B 722 21.83 -24.13 -6.06
N ALA B 723 20.75 -23.87 -6.79
CA ALA B 723 20.59 -24.49 -8.11
C ALA B 723 21.67 -24.01 -9.07
N PHE B 724 22.01 -22.72 -9.03
CA PHE B 724 22.94 -22.09 -9.95
C PHE B 724 24.36 -21.96 -9.40
N LEU B 725 24.68 -22.75 -8.37
CA LEU B 725 25.97 -22.62 -7.69
C LEU B 725 27.15 -22.84 -8.63
N GLY B 726 27.13 -23.90 -9.42
CA GLY B 726 28.25 -24.17 -10.31
C GLY B 726 28.38 -23.25 -11.52
N GLU B 727 27.28 -22.99 -12.22
CA GLU B 727 27.28 -22.33 -13.51
C GLU B 727 27.40 -20.80 -13.44
N LYS B 728 27.61 -20.24 -14.62
CA LYS B 728 27.67 -18.80 -14.87
C LYS B 728 26.29 -18.31 -15.24
N LEU B 729 25.87 -17.19 -14.66
CA LEU B 729 24.53 -16.69 -14.93
C LEU B 729 24.57 -15.21 -15.32
N TYR B 730 23.65 -14.83 -16.21
CA TYR B 730 23.54 -13.48 -16.73
C TYR B 730 22.21 -12.87 -16.32
N PHE B 731 22.22 -11.58 -15.98
CA PHE B 731 20.96 -10.92 -15.62
C PHE B 731 20.54 -9.95 -16.69
N PRO B 732 19.55 -10.26 -17.53
CA PRO B 732 19.09 -9.26 -18.50
C PRO B 732 18.37 -8.13 -17.79
N HIS B 733 18.46 -6.93 -18.34
CA HIS B 733 17.87 -5.77 -17.67
C HIS B 733 16.73 -5.14 -18.45
N ASN B 734 15.88 -4.43 -17.71
CA ASN B 734 14.70 -3.71 -18.16
C ASN B 734 14.73 -2.32 -17.56
N LEU B 735 13.89 -1.43 -18.07
CA LEU B 735 13.83 -0.07 -17.54
C LEU B 735 12.46 0.21 -16.94
N ASP B 736 12.42 1.10 -15.96
CA ASP B 736 11.15 1.56 -15.45
C ASP B 736 10.79 2.81 -16.25
N PHE B 737 9.67 3.47 -15.91
CA PHE B 737 9.30 4.65 -16.68
C PHE B 737 10.37 5.73 -16.59
N ARG B 738 10.96 5.93 -15.42
CA ARG B 738 12.02 6.92 -15.26
C ARG B 738 13.26 6.54 -16.07
N GLY B 739 13.49 5.25 -16.26
CA GLY B 739 14.63 4.75 -17.01
C GLY B 739 15.64 3.98 -16.20
N ARG B 740 15.44 3.82 -14.90
CA ARG B 740 16.36 3.04 -14.10
C ARG B 740 16.34 1.58 -14.54
N ALA B 741 17.51 0.96 -14.59
CA ALA B 741 17.62 -0.42 -15.05
C ALA B 741 17.49 -1.39 -13.89
N TYR B 742 16.66 -2.41 -14.08
CA TYR B 742 16.38 -3.45 -13.11
C TYR B 742 16.59 -4.83 -13.74
N PRO B 743 17.14 -5.79 -13.01
CA PRO B 743 17.34 -7.12 -13.58
C PRO B 743 16.00 -7.78 -13.91
N LEU B 744 16.01 -8.58 -14.97
CA LEU B 744 14.79 -9.25 -15.38
C LEU B 744 14.35 -10.30 -14.38
N SER B 745 15.31 -10.99 -13.74
CA SER B 745 14.99 -12.02 -12.76
C SER B 745 14.76 -11.37 -11.40
N PRO B 746 13.51 -11.33 -10.93
CA PRO B 746 13.21 -10.66 -9.65
C PRO B 746 13.66 -11.37 -8.39
N HIS B 747 13.51 -12.69 -8.31
CA HIS B 747 13.76 -13.40 -7.06
C HIS B 747 15.21 -13.35 -6.62
N PHE B 748 16.16 -13.63 -7.51
CA PHE B 748 17.56 -13.63 -7.13
C PHE B 748 18.34 -12.77 -8.11
N ASN B 749 18.91 -11.68 -7.60
CA ASN B 749 19.70 -10.75 -8.40
C ASN B 749 20.58 -9.94 -7.47
N HIS B 750 21.59 -9.31 -8.05
CA HIS B 750 22.56 -8.52 -7.30
C HIS B 750 22.00 -7.20 -6.82
N LEU B 751 20.75 -6.90 -7.10
CA LEU B 751 20.14 -5.63 -6.72
C LEU B 751 19.23 -5.81 -5.51
N GLY B 752 19.32 -6.95 -4.85
CA GLY B 752 18.47 -7.26 -3.72
C GLY B 752 19.02 -6.82 -2.39
N ASN B 753 18.85 -7.67 -1.38
CA ASN B 753 19.29 -7.40 -0.03
C ASN B 753 20.77 -7.70 0.12
N ASP B 754 21.30 -7.41 1.30
CA ASP B 754 22.72 -7.60 1.56
C ASP B 754 23.15 -9.05 1.35
N MET B 755 22.33 -10.01 1.79
CA MET B 755 22.70 -11.41 1.59
C MET B 755 22.76 -11.76 0.11
N SER B 756 21.81 -11.26 -0.68
CA SER B 756 21.81 -11.57 -2.11
C SER B 756 23.05 -10.98 -2.77
N ARG B 757 23.42 -9.75 -2.41
CA ARG B 757 24.61 -9.15 -2.98
C ARG B 757 25.85 -9.92 -2.57
N GLY B 758 25.89 -10.39 -1.32
CA GLY B 758 27.03 -11.15 -0.85
C GLY B 758 27.20 -12.45 -1.62
N LEU B 759 26.09 -13.10 -1.93
CA LEU B 759 26.13 -14.39 -2.64
C LEU B 759 26.73 -14.26 -4.05
N LEU B 760 26.43 -13.18 -4.76
CA LEU B 760 26.88 -13.04 -6.13
C LEU B 760 28.28 -12.43 -6.24
N ILE B 761 29.09 -12.96 -7.18
CA ILE B 761 30.42 -12.44 -7.50
C ILE B 761 30.61 -12.51 -9.00
N PHE B 762 31.54 -11.71 -9.51
CA PHE B 762 31.80 -11.69 -10.95
C PHE B 762 32.45 -12.98 -11.42
N TRP B 763 31.95 -13.51 -12.53
CA TRP B 763 32.52 -14.73 -13.10
C TRP B 763 33.95 -14.51 -13.59
N HIS B 764 34.20 -13.39 -14.28
CA HIS B 764 35.52 -13.10 -14.80
C HIS B 764 36.46 -12.64 -13.69
N GLY B 765 37.67 -13.19 -13.66
CA GLY B 765 38.66 -12.84 -12.67
C GLY B 765 39.76 -12.01 -13.31
N LYS B 766 40.05 -10.86 -12.69
CA LYS B 766 41.05 -9.93 -13.18
C LYS B 766 42.13 -9.70 -12.15
N LYS B 767 43.39 -9.78 -12.59
CA LYS B 767 44.53 -9.61 -11.70
C LYS B 767 44.44 -8.28 -10.98
N LEU B 768 44.66 -8.29 -9.66
CA LEU B 768 44.48 -7.07 -8.87
C LEU B 768 45.42 -5.95 -9.31
N GLY B 769 46.70 -6.23 -9.43
CA GLY B 769 47.65 -5.20 -9.79
C GLY B 769 47.97 -4.34 -8.60
N PRO B 770 48.72 -3.27 -8.81
CA PRO B 770 49.04 -2.36 -7.69
C PRO B 770 47.83 -1.63 -7.16
N SER B 771 47.02 -1.10 -8.09
CA SER B 771 45.81 -0.36 -7.75
C SER B 771 44.75 -1.26 -7.14
N GLY B 772 44.59 -2.47 -7.67
CA GLY B 772 43.52 -3.35 -7.21
C GLY B 772 43.61 -3.68 -5.72
N LEU B 773 44.81 -3.94 -5.22
CA LEU B 773 44.94 -4.28 -3.80
C LEU B 773 44.45 -3.13 -2.93
N LYS B 774 44.82 -1.91 -3.30
CA LYS B 774 44.37 -0.73 -2.56
C LYS B 774 42.87 -0.60 -2.65
N TRP B 775 42.30 -0.88 -3.82
CA TRP B 775 40.87 -0.73 -3.99
C TRP B 775 40.10 -1.79 -3.23
N LEU B 776 40.64 -3.01 -3.13
CA LEU B 776 39.98 -4.06 -2.36
C LEU B 776 39.98 -3.69 -0.88
N LYS B 777 41.11 -3.17 -0.40
CA LYS B 777 41.17 -2.76 1.00
C LYS B 777 40.20 -1.62 1.26
N ILE B 778 40.14 -0.65 0.34
CA ILE B 778 39.22 0.46 0.53
C ILE B 778 37.80 -0.05 0.42
N HIS B 779 37.57 -1.13 -0.34
CA HIS B 779 36.23 -1.67 -0.45
C HIS B 779 35.78 -2.21 0.90
N LEU B 780 36.66 -2.93 1.58
CA LEU B 780 36.28 -3.46 2.88
C LEU B 780 36.02 -2.32 3.85
N SER B 781 36.85 -1.28 3.78
CA SER B 781 36.64 -0.14 4.67
C SER B 781 35.30 0.51 4.39
N ASN B 782 34.94 0.62 3.11
CA ASN B 782 33.67 1.22 2.72
C ASN B 782 32.51 0.39 3.26
N LEU B 783 32.63 -0.93 3.15
CA LEU B 783 31.56 -1.81 3.62
C LEU B 783 31.35 -1.63 5.11
N PHE B 784 32.44 -1.51 5.86
CA PHE B 784 32.30 -1.34 7.31
C PHE B 784 31.71 0.02 7.69
N GLY B 785 31.42 0.87 6.74
CA GLY B 785 30.82 2.18 6.99
C GLY B 785 31.78 3.34 7.09
N PHE B 786 33.09 3.09 7.06
CA PHE B 786 34.08 4.16 7.09
C PHE B 786 34.43 4.64 5.69
N ASP B 787 33.44 5.20 5.00
CA ASP B 787 33.67 5.73 3.67
C ASP B 787 33.87 7.23 3.66
N LYS B 788 33.65 7.90 4.80
CA LYS B 788 33.85 9.34 4.89
C LYS B 788 35.31 9.72 4.74
N LEU B 789 36.19 8.88 5.29
CA LEU B 789 37.62 9.14 5.33
C LEU B 789 38.29 9.05 3.96
N PRO B 790 39.47 9.66 3.83
CA PRO B 790 40.22 9.58 2.56
C PRO B 790 40.77 8.18 2.33
N LEU B 791 41.16 7.94 1.08
CA LEU B 791 41.59 6.60 0.67
C LEU B 791 42.73 6.09 1.53
N LYS B 792 43.68 6.95 1.88
CA LYS B 792 44.79 6.51 2.71
C LYS B 792 44.30 6.01 4.06
N ASP B 793 43.34 6.72 4.66
CA ASP B 793 42.80 6.28 5.94
C ASP B 793 42.05 4.95 5.80
N ARG B 794 41.28 4.79 4.72
CA ARG B 794 40.55 3.53 4.54
C ARG B 794 41.52 2.36 4.40
N VAL B 795 42.60 2.54 3.65
CA VAL B 795 43.57 1.47 3.53
C VAL B 795 44.18 1.20 4.89
N ALA B 796 44.43 2.27 5.66
CA ALA B 796 45.00 2.10 6.98
C ALA B 796 44.07 1.28 7.86
N PHE B 797 42.77 1.53 7.75
CA PHE B 797 41.80 0.79 8.55
C PHE B 797 41.87 -0.70 8.24
N THR B 798 41.94 -1.03 6.95
CA THR B 798 41.98 -2.45 6.59
C THR B 798 43.26 -3.09 7.12
N GLU B 799 44.38 -2.38 6.97
CA GLU B 799 45.65 -2.93 7.42
C GLU B 799 45.61 -3.14 8.93
N SER B 800 45.03 -2.18 9.66
CA SER B 800 44.96 -2.28 11.10
C SER B 800 44.08 -3.45 11.52
N HIS B 801 43.08 -3.80 10.71
CA HIS B 801 42.17 -4.87 11.06
C HIS B 801 42.48 -6.17 10.36
N LEU B 802 43.72 -6.32 9.88
CA LEU B 802 44.12 -7.52 9.14
C LEU B 802 43.92 -8.80 9.95
N GLN B 803 44.25 -8.76 11.24
CA GLN B 803 44.06 -9.94 12.09
C GLN B 803 42.58 -10.29 12.22
N ASP B 804 41.73 -9.26 12.31
CA ASP B 804 40.29 -9.48 12.40
C ASP B 804 39.80 -10.11 11.11
N ILE B 805 40.32 -9.64 9.97
CA ILE B 805 39.93 -10.19 8.69
C ILE B 805 40.31 -11.67 8.64
N LYS B 806 41.50 -11.99 9.14
CA LYS B 806 41.93 -13.38 9.13
C LYS B 806 41.00 -14.22 9.98
N ASP B 807 40.62 -13.72 11.14
CA ASP B 807 39.74 -14.49 12.02
C ASP B 807 38.39 -14.72 11.38
N SER B 808 37.83 -13.68 10.77
CA SER B 808 36.51 -13.79 10.14
C SER B 808 36.53 -14.76 8.97
N ALA B 809 37.53 -14.66 8.11
CA ALA B 809 37.59 -15.57 6.97
C ALA B 809 37.89 -17.01 7.38
N GLU B 810 38.85 -17.20 8.29
CA GLU B 810 39.22 -18.56 8.70
C GLU B 810 38.09 -19.26 9.45
N ASN B 811 37.45 -18.56 10.38
CA ASN B 811 36.37 -19.13 11.19
C ASN B 811 35.22 -18.13 11.15
N PRO B 812 34.34 -18.32 10.18
CA PRO B 812 33.24 -17.38 9.94
C PRO B 812 32.29 -17.30 11.12
N LEU B 813 31.90 -18.42 11.70
CA LEU B 813 30.93 -18.45 12.78
C LEU B 813 31.52 -18.81 14.14
N THR B 814 32.47 -19.76 14.18
CA THR B 814 33.05 -20.19 15.44
C THR B 814 33.92 -19.11 16.06
N GLY B 815 34.41 -18.17 15.27
CA GLY B 815 35.27 -17.11 15.76
C GLY B 815 34.51 -15.94 16.35
N ASP B 816 35.21 -14.81 16.44
CA ASP B 816 34.67 -13.59 17.02
C ASP B 816 33.61 -12.93 16.14
N ARG B 817 33.47 -13.33 14.88
CA ARG B 817 32.45 -12.78 13.99
C ARG B 817 32.55 -11.26 13.89
N TRP B 818 33.76 -10.78 13.61
CA TRP B 818 33.97 -9.35 13.43
C TRP B 818 33.19 -8.82 12.25
N TRP B 819 33.08 -9.62 11.17
CA TRP B 819 32.37 -9.20 9.97
C TRP B 819 30.90 -8.91 10.25
N THR B 820 30.31 -9.57 11.23
CA THR B 820 28.91 -9.35 11.56
C THR B 820 28.64 -7.92 11.98
N THR B 821 29.63 -7.25 12.58
CA THR B 821 29.47 -5.87 13.02
C THR B 821 29.46 -4.87 11.86
N ALA B 822 29.79 -5.31 10.65
CA ALA B 822 29.84 -4.42 9.50
C ALA B 822 28.45 -3.94 9.08
N ASP B 823 28.45 -2.81 8.39
CA ASP B 823 27.20 -2.24 7.87
C ASP B 823 26.54 -3.19 6.86
N LYS B 824 27.35 -3.86 6.05
CA LYS B 824 26.90 -4.83 5.04
C LYS B 824 27.64 -6.12 5.35
N PRO B 825 27.19 -6.87 6.35
CA PRO B 825 27.95 -8.04 6.79
C PRO B 825 28.18 -9.13 5.76
N TRP B 826 27.20 -9.52 4.96
CA TRP B 826 27.44 -10.60 4.01
C TRP B 826 28.49 -10.21 2.97
N GLN B 827 28.43 -8.97 2.49
CA GLN B 827 29.42 -8.51 1.53
C GLN B 827 30.76 -8.33 2.21
N ALA B 828 30.73 -7.88 3.47
CA ALA B 828 31.97 -7.74 4.23
C ALA B 828 32.62 -9.11 4.41
N LEU B 829 31.83 -10.14 4.67
CA LEU B 829 32.39 -11.47 4.80
C LEU B 829 33.00 -11.92 3.49
N ALA B 830 32.32 -11.65 2.37
CA ALA B 830 32.85 -12.10 1.09
C ALA B 830 34.19 -11.44 0.80
N THR B 831 34.28 -10.13 1.06
CA THR B 831 35.55 -9.44 0.84
C THR B 831 36.58 -9.92 1.86
N CYS B 832 36.18 -10.27 3.08
CA CYS B 832 37.13 -10.78 4.06
C CYS B 832 37.76 -12.06 3.52
N PHE B 833 36.96 -12.91 2.90
CA PHE B 833 37.49 -14.13 2.31
C PHE B 833 38.51 -13.78 1.23
N GLU B 834 38.17 -12.79 0.41
CA GLU B 834 39.06 -12.40 -0.68
C GLU B 834 40.38 -11.88 -0.13
N LEU B 835 40.29 -10.98 0.86
CA LEU B 835 41.48 -10.37 1.44
C LEU B 835 42.32 -11.43 2.14
N ASN B 836 41.69 -12.37 2.84
CA ASN B 836 42.44 -13.39 3.53
C ASN B 836 43.25 -14.20 2.53
N GLU B 837 42.66 -14.49 1.37
CA GLU B 837 43.41 -15.21 0.36
C GLU B 837 44.58 -14.37 -0.12
N VAL B 838 44.37 -13.06 -0.26
CA VAL B 838 45.44 -12.18 -0.71
C VAL B 838 46.60 -12.16 0.30
N MET B 839 46.28 -12.17 1.58
CA MET B 839 47.30 -12.10 2.64
C MET B 839 48.21 -13.32 2.68
N LYS B 840 47.76 -14.45 2.14
CA LYS B 840 48.56 -15.66 2.12
C LYS B 840 49.48 -15.72 0.91
N MET B 841 49.47 -14.68 0.08
CA MET B 841 50.24 -14.63 -1.14
C MET B 841 51.43 -13.70 -0.96
N ASP B 842 52.62 -14.17 -1.38
CA ASP B 842 53.82 -13.35 -1.28
C ASP B 842 53.69 -12.10 -2.12
N ASN B 843 53.17 -12.23 -3.34
CA ASN B 843 52.95 -11.09 -4.23
C ASN B 843 51.44 -10.92 -4.40
N PRO B 844 50.84 -9.94 -3.73
CA PRO B 844 49.38 -9.77 -3.81
C PRO B 844 48.87 -9.41 -5.19
N GLU B 845 49.63 -8.62 -5.95
CA GLU B 845 49.16 -8.15 -7.24
C GLU B 845 48.83 -9.28 -8.20
N GLU B 846 49.54 -10.40 -8.12
CA GLU B 846 49.27 -11.53 -8.99
C GLU B 846 47.88 -12.12 -8.77
N PHE B 847 47.37 -12.05 -7.54
CA PHE B 847 46.09 -12.64 -7.20
C PHE B 847 44.98 -12.07 -8.07
N ILE B 848 44.11 -12.95 -8.57
CA ILE B 848 42.98 -12.55 -9.40
C ILE B 848 41.72 -12.58 -8.56
N SER B 849 41.06 -11.43 -8.46
CA SER B 849 39.89 -11.27 -7.61
C SER B 849 38.61 -11.15 -8.44
N HIS B 850 37.60 -11.92 -8.06
CA HIS B 850 36.30 -11.85 -8.71
C HIS B 850 35.37 -10.91 -7.95
N GLN B 851 35.75 -10.49 -6.78
CA GLN B 851 34.89 -9.67 -5.94
C GLN B 851 34.61 -8.32 -6.58
N PRO B 852 33.35 -7.92 -6.71
CA PRO B 852 33.06 -6.60 -7.26
C PRO B 852 33.21 -5.51 -6.21
N VAL B 853 33.75 -4.37 -6.63
CA VAL B 853 33.97 -3.22 -5.79
C VAL B 853 32.97 -2.16 -6.20
N HIS B 854 32.27 -1.61 -5.20
CA HIS B 854 31.21 -0.62 -5.39
C HIS B 854 31.77 0.79 -5.30
N GLN B 855 31.47 1.61 -6.28
CA GLN B 855 31.88 3.02 -6.31
C GLN B 855 30.65 3.87 -6.48
N ASP B 856 30.45 4.84 -5.59
CA ASP B 856 29.27 5.67 -5.74
C ASP B 856 29.51 7.06 -5.20
N GLY B 857 28.71 8.00 -5.69
CA GLY B 857 28.79 9.38 -5.26
C GLY B 857 27.83 9.59 -4.11
N THR B 858 28.14 10.53 -3.24
CA THR B 858 27.25 10.78 -2.12
C THR B 858 26.04 11.54 -2.63
N CYS B 859 24.88 10.89 -2.60
CA CYS B 859 23.63 11.40 -3.15
C CYS B 859 23.55 11.89 -4.59
N ASN B 860 23.57 10.97 -5.56
CA ASN B 860 23.76 11.33 -6.97
C ASN B 860 22.89 12.51 -7.35
N GLY B 861 21.69 12.56 -6.79
CA GLY B 861 20.76 13.62 -7.12
C GLY B 861 21.32 14.99 -6.81
N LEU B 862 21.98 15.14 -5.67
CA LEU B 862 22.56 16.43 -5.34
C LEU B 862 23.64 16.79 -6.35
N GLN B 863 24.47 15.82 -6.74
CA GLN B 863 25.49 16.10 -7.75
C GLN B 863 24.86 16.63 -9.03
N HIS B 864 23.70 16.07 -9.40
CA HIS B 864 23.01 16.54 -10.60
C HIS B 864 22.42 17.93 -10.38
N TYR B 865 21.85 18.18 -9.20
CA TYR B 865 21.29 19.50 -8.93
C TYR B 865 22.38 20.56 -8.99
N ALA B 866 23.55 20.24 -8.44
CA ALA B 866 24.67 21.15 -8.50
C ALA B 866 25.11 21.40 -9.93
N ALA B 867 25.18 20.33 -10.74
CA ALA B 867 25.60 20.52 -12.13
C ALA B 867 24.59 21.34 -12.90
N LEU B 868 23.30 21.05 -12.76
CA LEU B 868 22.28 21.79 -13.49
C LEU B 868 22.24 23.25 -13.08
N GLY B 869 22.25 23.48 -11.76
CA GLY B 869 22.22 24.82 -11.24
C GLY B 869 23.48 25.62 -11.54
N GLY B 870 24.63 24.96 -11.47
CA GLY B 870 25.87 25.68 -11.60
C GLY B 870 26.31 26.23 -10.27
N ASP B 871 25.72 25.72 -9.19
CA ASP B 871 26.01 26.18 -7.84
C ASP B 871 27.49 25.96 -7.52
N VAL B 872 28.09 26.91 -6.82
CA VAL B 872 29.47 26.78 -6.38
C VAL B 872 29.56 26.28 -4.94
N GLU B 873 28.76 26.86 -4.04
CA GLU B 873 28.78 26.40 -2.67
C GLU B 873 28.29 24.96 -2.59
N GLY B 874 27.21 24.67 -3.32
CA GLY B 874 26.65 23.32 -3.31
C GLY B 874 27.58 22.30 -3.91
N ALA B 875 28.24 22.65 -5.03
CA ALA B 875 29.09 21.69 -5.73
C ALA B 875 30.23 21.20 -4.85
N THR B 876 30.76 22.06 -3.98
CA THR B 876 31.87 21.64 -3.13
C THR B 876 31.46 20.49 -2.22
N GLN B 877 30.25 20.56 -1.68
CA GLN B 877 29.76 19.54 -0.76
C GLN B 877 29.60 18.18 -1.43
N VAL B 878 29.32 18.16 -2.73
CA VAL B 878 29.11 16.93 -3.47
C VAL B 878 30.39 16.46 -4.17
N ASN B 879 31.52 17.08 -3.88
CA ASN B 879 32.82 16.73 -4.44
C ASN B 879 32.92 16.98 -5.94
N LEU B 880 32.14 17.91 -6.48
CA LEU B 880 32.26 18.22 -7.90
C LEU B 880 33.62 18.85 -8.19
N VAL B 881 34.09 19.72 -7.32
CA VAL B 881 35.37 20.41 -7.47
C VAL B 881 36.45 19.63 -6.73
N PRO B 882 37.60 19.38 -7.34
CA PRO B 882 38.63 18.55 -6.69
C PRO B 882 39.06 19.12 -5.35
N SER B 883 39.16 18.25 -4.35
CA SER B 883 39.58 18.63 -3.01
C SER B 883 40.46 17.54 -2.43
N ASP B 884 41.38 17.95 -1.56
CA ASP B 884 42.28 16.99 -0.93
C ASP B 884 41.52 16.02 -0.02
N LYS B 885 40.49 16.51 0.66
CA LYS B 885 39.70 15.71 1.58
C LYS B 885 38.28 15.56 1.08
N PRO B 886 37.74 14.34 1.02
CA PRO B 886 36.37 14.16 0.53
C PRO B 886 35.35 14.79 1.45
N GLN B 887 34.35 15.44 0.86
CA GLN B 887 33.32 16.12 1.63
C GLN B 887 32.00 15.41 1.39
N ASP B 888 31.29 15.08 2.46
CA ASP B 888 30.01 14.42 2.38
C ASP B 888 28.89 15.40 2.72
N VAL B 889 27.88 15.47 1.85
CA VAL B 889 26.80 16.43 2.03
C VAL B 889 26.07 16.15 3.34
N TYR B 890 25.79 14.88 3.61
CA TYR B 890 25.06 14.49 4.82
C TYR B 890 25.66 15.11 6.07
N ALA B 891 26.97 14.99 6.26
CA ALA B 891 27.59 15.53 7.46
C ALA B 891 27.45 17.05 7.55
N HIS B 892 27.67 17.75 6.43
CA HIS B 892 27.58 19.21 6.44
C HIS B 892 26.16 19.67 6.76
N VAL B 893 25.17 19.05 6.13
CA VAL B 893 23.79 19.43 6.42
C VAL B 893 23.44 19.05 7.86
N ALA B 894 23.96 17.91 8.34
CA ALA B 894 23.68 17.51 9.72
C ALA B 894 24.23 18.55 10.68
N ARG B 895 25.43 19.05 10.41
CA ARG B 895 26.04 20.07 11.26
C ARG B 895 25.20 21.34 11.24
N LEU B 896 24.77 21.76 10.04
CA LEU B 896 23.97 22.98 9.93
C LEU B 896 22.63 22.81 10.64
N VAL B 897 21.91 21.72 10.36
CA VAL B 897 20.62 21.51 11.00
C VAL B 897 20.81 21.36 12.50
N GLN B 898 21.96 20.82 12.93
CA GLN B 898 22.23 20.72 14.36
C GLN B 898 22.31 22.10 14.98
N LYS B 899 22.99 23.02 14.30
CA LYS B 899 23.08 24.39 14.79
C LYS B 899 21.69 25.03 14.79
N ARG B 900 20.90 24.75 13.75
CA ARG B 900 19.54 25.28 13.66
C ARG B 900 18.69 24.79 14.82
N LEU B 901 18.80 23.50 15.15
CA LEU B 901 18.06 22.98 16.29
C LEU B 901 18.59 23.59 17.58
N GLU B 902 19.91 23.80 17.67
CA GLU B 902 20.47 24.38 18.88
C GLU B 902 19.89 25.76 19.14
N ILE B 903 19.80 26.57 18.07
CA ILE B 903 19.20 27.90 18.24
C ILE B 903 17.71 27.77 18.54
N ALA B 904 17.03 26.78 17.93
CA ALA B 904 15.61 26.62 18.21
C ALA B 904 15.40 26.28 19.68
N ALA B 905 16.26 25.41 20.22
CA ALA B 905 16.19 25.02 21.61
C ALA B 905 16.43 26.22 22.52
N GLU B 906 17.39 27.07 22.15
CA GLU B 906 17.66 28.26 22.95
C GLU B 906 16.44 29.16 22.94
N LYS B 907 15.76 29.26 21.80
CA LYS B 907 14.55 30.07 21.69
C LYS B 907 13.58 29.72 22.81
N GLY B 908 13.32 28.44 23.01
CA GLY B 908 12.41 28.00 24.05
C GLY B 908 11.54 26.79 23.77
N ASP B 909 11.49 26.32 22.53
CA ASP B 909 10.73 25.11 22.24
C ASP B 909 11.48 23.88 22.76
N GLU B 910 10.76 23.00 23.46
CA GLU B 910 11.37 21.81 24.05
C GLU B 910 11.45 20.64 23.08
N ASN B 911 10.79 20.75 21.92
CA ASN B 911 10.82 19.67 20.94
C ASN B 911 12.24 19.45 20.44
N ALA B 912 12.95 20.54 20.16
CA ALA B 912 14.34 20.44 19.72
C ALA B 912 15.21 19.86 20.82
N LYS B 913 15.03 20.33 22.06
CA LYS B 913 15.90 19.90 23.15
C LYS B 913 15.79 18.41 23.42
N ILE B 914 14.56 17.89 23.47
CA ILE B 914 14.39 16.47 23.77
C ILE B 914 15.00 15.59 22.68
N LEU B 915 14.89 16.00 21.43
CA LEU B 915 15.35 15.24 20.28
C LEU B 915 16.73 15.59 19.73
N LYS B 916 17.49 16.49 20.37
CA LYS B 916 18.80 16.81 19.83
C LYS B 916 19.72 15.60 19.83
N ASP B 917 19.74 14.86 20.93
CA ASP B 917 20.60 13.68 21.04
C ASP B 917 20.21 12.59 20.05
N LYS B 918 18.91 12.38 19.85
CA LYS B 918 18.45 11.31 18.97
C LYS B 918 18.91 11.52 17.53
N ILE B 919 18.96 12.77 17.07
CA ILE B 919 19.35 13.04 15.68
C ILE B 919 20.71 12.47 15.40
N THR B 920 20.83 11.78 14.27
CA THR B 920 22.06 11.12 13.83
C THR B 920 22.22 11.30 12.33
N ARG B 921 23.34 10.82 11.81
CA ARG B 921 23.60 10.92 10.38
C ARG B 921 22.56 10.18 9.55
N LYS B 922 22.13 9.00 10.00
CA LYS B 922 21.17 8.22 9.22
C LYS B 922 19.84 8.95 9.02
N VAL B 923 19.32 9.64 10.04
CA VAL B 923 18.04 10.34 9.87
C VAL B 923 18.18 11.43 8.80
N VAL B 924 19.29 12.16 8.81
CA VAL B 924 19.53 13.18 7.79
C VAL B 924 19.68 12.53 6.42
N LYS B 925 20.38 11.39 6.37
CA LYS B 925 20.59 10.69 5.12
C LYS B 925 19.27 10.24 4.52
N GLN B 926 18.34 9.81 5.37
CA GLN B 926 17.04 9.34 4.91
C GLN B 926 16.15 10.50 4.50
N THR B 927 16.13 11.59 5.27
CA THR B 927 15.25 12.68 4.89
C THR B 927 15.78 13.37 3.63
N VAL B 928 17.10 13.59 3.55
CA VAL B 928 17.67 14.23 2.37
C VAL B 928 17.47 13.34 1.14
N MET B 929 17.65 12.02 1.31
CA MET B 929 17.48 11.11 0.19
C MET B 929 16.04 11.16 -0.31
N THR B 930 15.07 11.17 0.61
CA THR B 930 13.68 11.26 0.17
C THR B 930 13.42 12.59 -0.51
N ASN B 931 13.94 13.69 0.04
CA ASN B 931 13.68 14.99 -0.54
C ASN B 931 14.19 15.07 -1.96
N VAL B 932 15.42 14.61 -2.19
CA VAL B 932 15.99 14.68 -3.53
C VAL B 932 15.46 13.59 -4.43
N TYR B 933 14.76 12.60 -3.87
CA TYR B 933 14.27 11.48 -4.66
C TYR B 933 12.79 11.19 -4.40
N GLY B 934 12.06 12.14 -3.86
CA GLY B 934 10.64 11.95 -3.64
C GLY B 934 10.01 13.04 -2.79
N PHE B 961 5.85 13.29 17.71
CA PHE B 961 5.62 14.59 18.32
C PHE B 961 6.50 15.65 17.69
N SER B 962 7.42 15.24 16.83
CA SER B 962 8.36 16.15 16.20
C SER B 962 8.11 16.32 14.71
N LYS B 963 8.01 17.58 14.29
CA LYS B 963 7.84 17.97 12.91
C LYS B 963 8.89 18.99 12.52
N TYR B 964 9.70 19.43 13.49
CA TYR B 964 10.79 20.38 13.27
C TYR B 964 11.86 19.82 12.36
N LEU B 965 12.15 18.51 12.48
CA LEU B 965 13.24 17.91 11.71
C LEU B 965 13.04 18.03 10.21
N THR B 966 11.85 17.69 9.69
CA THR B 966 11.66 17.73 8.24
C THR B 966 11.78 19.15 7.69
N LYS B 967 11.17 20.12 8.37
CA LYS B 967 11.24 21.49 7.89
C LYS B 967 12.67 22.01 7.98
N HIS B 968 13.37 21.72 9.08
CA HIS B 968 14.72 22.23 9.24
C HIS B 968 15.68 21.59 8.24
N VAL B 969 15.55 20.28 8.01
CA VAL B 969 16.45 19.62 7.05
C VAL B 969 16.21 20.18 5.66
N PHE B 970 14.95 20.39 5.28
CA PHE B 970 14.68 20.97 3.97
C PHE B 970 15.23 22.39 3.88
N SER B 971 15.07 23.17 4.94
CA SER B 971 15.58 24.55 4.93
C SER B 971 17.09 24.57 4.76
N ALA B 972 17.78 23.68 5.49
CA ALA B 972 19.24 23.62 5.41
C ALA B 972 19.69 23.20 4.02
N ILE B 973 19.06 22.16 3.46
CA ILE B 973 19.49 21.73 2.12
C ILE B 973 19.18 22.83 1.11
N ARG B 974 18.05 23.53 1.28
CA ARG B 974 17.69 24.59 0.35
C ARG B 974 18.75 25.68 0.37
N GLU B 975 19.20 26.07 1.56
CA GLU B 975 20.23 27.10 1.66
C GLU B 975 21.54 26.59 1.07
N LEU B 976 21.89 25.34 1.36
CA LEU B 976 23.14 24.75 0.88
C LEU B 976 23.17 24.72 -0.64
N PHE B 977 22.03 24.41 -1.28
CA PHE B 977 21.92 24.34 -2.74
C PHE B 977 20.79 25.27 -3.18
N HIS B 978 21.05 26.57 -3.15
CA HIS B 978 20.02 27.54 -3.52
C HIS B 978 19.60 27.37 -4.97
N SER B 979 20.58 27.13 -5.86
CA SER B 979 20.28 26.96 -7.27
C SER B 979 19.37 25.75 -7.47
N ALA B 980 19.66 24.67 -6.74
CA ALA B 980 18.83 23.48 -6.84
C ALA B 980 17.40 23.78 -6.41
N HIS B 981 17.25 24.55 -5.33
CA HIS B 981 15.90 24.91 -4.87
C HIS B 981 15.17 25.73 -5.92
N LEU B 982 15.89 26.65 -6.59
CA LEU B 982 15.26 27.41 -7.66
C LEU B 982 14.81 26.51 -8.80
N ILE B 983 15.66 25.55 -9.18
CA ILE B 983 15.29 24.63 -10.25
C ILE B 983 14.10 23.78 -9.83
N GLN B 984 14.07 23.34 -8.57
CA GLN B 984 12.96 22.53 -8.10
C GLN B 984 11.67 23.35 -8.18
N ASP B 985 11.74 24.63 -7.81
CA ASP B 985 10.56 25.48 -7.89
C ASP B 985 10.10 25.60 -9.32
N TRP B 986 11.04 25.78 -10.25
CA TRP B 986 10.67 25.92 -11.65
C TRP B 986 10.01 24.65 -12.16
N LEU B 987 10.55 23.49 -11.80
CA LEU B 987 10.00 22.22 -12.25
C LEU B 987 8.59 22.03 -11.70
N GLY B 988 8.39 22.34 -10.43
CA GLY B 988 7.06 22.20 -9.84
C GLY B 988 6.05 23.13 -10.50
N GLU B 989 6.45 24.38 -10.73
CA GLU B 989 5.53 25.34 -11.36
C GLU B 989 5.19 24.90 -12.77
N SER B 990 6.19 24.43 -13.52
CA SER B 990 5.94 23.97 -14.88
C SER B 990 5.00 22.78 -14.88
N ALA B 991 5.18 21.85 -13.93
CA ALA B 991 4.30 20.69 -13.88
C ALA B 991 2.88 21.12 -13.59
N LYS B 992 2.70 22.08 -12.67
CA LYS B 992 1.36 22.53 -12.34
C LYS B 992 0.70 23.17 -13.56
N ARG B 993 1.46 24.00 -14.28
CA ARG B 993 0.88 24.65 -15.45
C ARG B 993 0.49 23.63 -16.50
N ILE B 994 1.36 22.64 -16.73
CA ILE B 994 1.06 21.64 -17.75
C ILE B 994 -0.18 20.86 -17.33
N SER B 995 -0.30 20.57 -16.04
CA SER B 995 -1.43 19.81 -15.52
C SER B 995 -2.73 20.55 -15.78
N LYS B 996 -2.71 21.87 -15.68
CA LYS B 996 -3.95 22.63 -15.91
C LYS B 996 -4.20 22.95 -17.38
N SER B 997 -3.26 22.65 -18.27
CA SER B 997 -3.42 22.92 -19.69
C SER B 997 -4.42 21.97 -20.33
N ILE B 998 -5.07 22.45 -21.40
CA ILE B 998 -6.03 21.68 -22.17
C ILE B 998 -5.64 21.74 -23.64
N ARG B 999 -5.53 20.56 -24.28
CA ARG B 999 -5.15 20.47 -25.68
C ARG B 999 -6.26 21.01 -26.58
N LEU B 1000 -5.90 21.83 -27.57
CA LEU B 1000 -6.92 22.43 -28.43
C LEU B 1000 -7.71 21.38 -29.23
N ASP B 1001 -7.01 20.44 -29.86
CA ASP B 1001 -7.68 19.43 -30.69
C ASP B 1001 -8.57 18.49 -29.89
N VAL B 1002 -8.14 18.09 -28.69
CA VAL B 1002 -8.92 17.12 -27.91
C VAL B 1002 -10.17 17.74 -27.30
N ASP B 1003 -10.28 19.06 -27.24
CA ASP B 1003 -11.45 19.68 -26.66
C ASP B 1003 -12.62 19.73 -27.62
N GLU B 1004 -13.76 19.20 -27.16
CA GLU B 1004 -15.00 19.11 -27.93
C GLU B 1004 -16.15 19.19 -26.94
N LYS B 1005 -17.34 18.82 -27.41
CA LYS B 1005 -18.55 18.84 -26.60
C LYS B 1005 -18.68 17.56 -25.78
N SER B 1006 -17.70 16.67 -25.87
CA SER B 1006 -17.71 15.42 -25.12
C SER B 1006 -17.69 15.63 -23.62
N PHE B 1007 -17.14 16.76 -23.15
CA PHE B 1007 -17.04 16.99 -21.71
C PHE B 1007 -18.41 16.95 -21.05
N LYS B 1008 -18.46 16.37 -19.85
CA LYS B 1008 -19.72 16.27 -19.11
C LYS B 1008 -20.29 17.65 -18.83
N ASN B 1009 -19.43 18.60 -18.46
CA ASN B 1009 -19.80 19.99 -18.28
C ASN B 1009 -19.08 20.80 -19.34
N GLY B 1010 -19.84 21.58 -20.11
CA GLY B 1010 -19.24 22.34 -21.20
C GLY B 1010 -18.19 23.32 -20.73
N ASN B 1011 -18.42 23.95 -19.58
CA ASN B 1011 -17.51 24.94 -19.03
C ASN B 1011 -16.48 24.36 -18.07
N LYS B 1012 -16.44 23.05 -17.92
CA LYS B 1012 -15.51 22.40 -16.98
C LYS B 1012 -14.72 21.32 -17.71
N PRO B 1013 -13.76 21.72 -18.55
CA PRO B 1013 -12.98 20.74 -19.31
C PRO B 1013 -12.10 19.89 -18.41
N ASP B 1014 -11.96 18.62 -18.78
CA ASP B 1014 -11.08 17.72 -18.04
C ASP B 1014 -9.63 18.04 -18.37
N PHE B 1015 -8.73 17.72 -17.43
CA PHE B 1015 -7.31 17.93 -17.64
C PHE B 1015 -6.65 16.57 -17.87
N MET B 1016 -6.31 16.28 -19.12
CA MET B 1016 -5.78 14.98 -19.49
C MET B 1016 -4.31 15.02 -19.90
N SER B 1017 -3.63 16.14 -19.70
CA SER B 1017 -2.24 16.27 -20.10
C SER B 1017 -1.32 15.92 -18.94
N SER B 1018 -0.38 15.01 -19.19
CA SER B 1018 0.61 14.59 -18.21
C SER B 1018 1.98 15.03 -18.68
N VAL B 1019 2.85 15.37 -17.73
CA VAL B 1019 4.16 15.85 -18.11
C VAL B 1019 4.84 14.75 -18.91
N ILE B 1020 5.39 15.12 -20.06
CA ILE B 1020 6.15 14.21 -20.90
C ILE B 1020 7.42 14.92 -21.32
N TRP B 1021 8.56 14.28 -21.12
CA TRP B 1021 9.83 14.87 -21.51
C TRP B 1021 10.73 13.79 -22.08
N THR B 1022 11.78 14.21 -22.76
CA THR B 1022 12.70 13.26 -23.38
C THR B 1022 14.05 13.31 -22.69
N THR B 1023 14.57 12.14 -22.38
CA THR B 1023 15.86 11.98 -21.74
C THR B 1023 16.97 12.38 -22.70
N PRO B 1024 18.15 12.75 -22.18
CA PRO B 1024 19.25 13.09 -23.08
C PRO B 1024 19.58 11.95 -24.03
N LEU B 1025 19.42 10.71 -23.56
CA LEU B 1025 19.56 9.53 -24.39
C LEU B 1025 18.41 9.36 -25.38
N GLY B 1026 17.32 10.11 -25.19
CA GLY B 1026 16.19 10.10 -26.08
C GLY B 1026 14.99 9.31 -25.60
N LEU B 1027 15.11 8.62 -24.47
CA LEU B 1027 14.00 7.85 -23.95
C LEU B 1027 12.86 8.79 -23.55
N PRO B 1028 11.61 8.47 -23.89
CA PRO B 1028 10.50 9.32 -23.48
C PRO B 1028 10.00 8.93 -22.10
N ILE B 1029 9.68 9.94 -21.30
CA ILE B 1029 9.24 9.75 -19.92
C ILE B 1029 7.90 10.42 -19.75
N VAL B 1030 6.91 9.65 -19.29
CA VAL B 1030 5.51 10.06 -19.21
C VAL B 1030 5.05 9.81 -17.78
N GLN B 1031 4.89 10.88 -17.02
CA GLN B 1031 4.48 10.77 -15.63
C GLN B 1031 3.09 10.13 -15.52
N PRO B 1032 2.99 8.92 -14.96
CA PRO B 1032 1.73 8.16 -14.97
C PRO B 1032 0.83 8.42 -13.77
N TYR B 1033 0.64 9.69 -13.43
CA TYR B 1033 -0.15 10.03 -12.24
C TYR B 1033 -1.53 10.50 -12.71
N ARG B 1034 -2.40 9.52 -12.97
CA ARG B 1034 -3.78 9.78 -13.35
C ARG B 1034 -4.69 9.56 -12.15
N GLU B 1035 -5.94 9.99 -12.31
CA GLU B 1035 -6.95 9.84 -11.27
C GLU B 1035 -7.79 8.61 -11.58
N GLU B 1036 -7.62 7.56 -10.79
CA GLU B 1036 -8.36 6.33 -10.99
C GLU B 1036 -9.81 6.50 -10.57
N SER B 1037 -10.70 5.82 -11.29
CA SER B 1037 -12.12 5.79 -10.97
C SER B 1037 -12.52 4.33 -10.87
N LYS B 1038 -12.75 3.86 -9.65
CA LYS B 1038 -13.07 2.47 -9.41
C LYS B 1038 -14.57 2.24 -9.48
N LYS B 1039 -14.95 1.00 -9.78
CA LYS B 1039 -16.34 0.62 -9.84
C LYS B 1039 -16.46 -0.85 -9.50
N GLN B 1040 -17.67 -1.25 -9.13
CA GLN B 1040 -17.96 -2.63 -8.76
C GLN B 1040 -18.33 -3.41 -10.01
N VAL B 1041 -17.44 -4.27 -10.47
CA VAL B 1041 -17.78 -5.17 -11.56
C VAL B 1041 -18.22 -6.49 -10.93
N GLU B 1042 -19.26 -7.09 -11.50
CA GLU B 1042 -19.88 -8.26 -10.90
C GLU B 1042 -19.17 -9.52 -11.36
N THR B 1043 -18.80 -10.36 -10.39
CA THR B 1043 -18.16 -11.64 -10.63
C THR B 1043 -18.94 -12.72 -9.89
N ASN B 1044 -18.54 -13.98 -10.10
CA ASN B 1044 -19.25 -15.10 -9.48
C ASN B 1044 -19.17 -15.03 -7.96
N LEU B 1045 -17.98 -14.74 -7.42
CA LEU B 1045 -17.80 -14.71 -5.98
C LEU B 1045 -18.38 -13.45 -5.36
N GLN B 1046 -18.10 -12.31 -5.95
CA GLN B 1046 -18.50 -11.03 -5.37
C GLN B 1046 -18.43 -9.97 -6.46
N THR B 1047 -18.77 -8.75 -6.11
CA THR B 1047 -18.58 -7.59 -6.99
C THR B 1047 -17.31 -6.90 -6.54
N VAL B 1048 -16.28 -6.96 -7.36
CA VAL B 1048 -14.98 -6.45 -6.99
C VAL B 1048 -14.87 -4.98 -7.40
N PHE B 1049 -14.28 -4.18 -6.52
CA PHE B 1049 -14.12 -2.74 -6.72
C PHE B 1049 -12.80 -2.50 -7.45
N ILE B 1050 -12.85 -2.61 -8.76
CA ILE B 1050 -11.62 -2.50 -9.56
C ILE B 1050 -11.72 -1.26 -10.43
N SER B 1051 -10.56 -0.85 -10.93
CA SER B 1051 -10.44 0.32 -11.79
C SER B 1051 -9.91 -0.12 -13.14
N ASP B 1052 -10.39 0.55 -14.19
CA ASP B 1052 -10.02 0.20 -15.55
C ASP B 1052 -8.82 1.02 -16.00
N PRO B 1053 -7.71 0.40 -16.40
CA PRO B 1053 -6.57 1.17 -16.89
C PRO B 1053 -6.78 1.74 -18.29
N PHE B 1054 -7.67 1.13 -19.09
CA PHE B 1054 -7.96 1.67 -20.42
C PHE B 1054 -8.81 2.92 -20.33
N ALA B 1055 -9.60 3.07 -19.28
CA ALA B 1055 -10.41 4.26 -19.11
C ALA B 1055 -9.53 5.50 -18.99
N VAL B 1056 -9.62 6.39 -19.98
CA VAL B 1056 -8.85 7.63 -19.93
C VAL B 1056 -9.24 8.39 -18.68
N ASN B 1057 -8.25 8.98 -18.03
CA ASN B 1057 -8.45 9.52 -16.70
C ASN B 1057 -7.79 10.87 -16.54
N PRO B 1058 -8.48 11.82 -15.91
CA PRO B 1058 -7.86 13.12 -15.63
C PRO B 1058 -6.57 12.94 -14.85
N VAL B 1059 -5.60 13.77 -15.18
CA VAL B 1059 -4.26 13.62 -14.63
C VAL B 1059 -4.28 14.13 -13.19
N ASN B 1060 -3.51 13.48 -12.33
CA ASN B 1060 -3.44 13.85 -10.91
C ASN B 1060 -2.44 14.99 -10.77
N ALA B 1061 -2.94 16.22 -10.83
CA ALA B 1061 -2.07 17.39 -10.86
C ALA B 1061 -1.15 17.45 -9.64
N ARG B 1062 -1.67 17.09 -8.46
CA ARG B 1062 -0.87 17.15 -7.25
C ARG B 1062 0.35 16.22 -7.33
N ARG B 1063 0.14 14.99 -7.79
CA ARG B 1063 1.26 14.08 -7.90
C ARG B 1063 2.19 14.46 -9.04
N GLN B 1064 1.67 15.02 -10.13
CA GLN B 1064 2.53 15.52 -11.20
C GLN B 1064 3.48 16.58 -10.69
N LYS B 1065 2.95 17.55 -9.95
CA LYS B 1065 3.79 18.61 -9.41
C LYS B 1065 4.78 18.06 -8.40
N ALA B 1066 4.34 17.14 -7.55
CA ALA B 1066 5.25 16.53 -6.59
C ALA B 1066 6.24 15.57 -7.22
N GLY B 1067 6.05 15.24 -8.49
CA GLY B 1067 6.89 14.24 -9.13
C GLY B 1067 7.85 14.72 -10.20
N LEU B 1068 7.68 15.92 -10.75
CA LEU B 1068 8.69 16.39 -11.70
C LEU B 1068 10.11 16.41 -11.16
N PRO B 1069 10.43 17.03 -10.03
CA PRO B 1069 11.83 17.11 -9.60
C PRO B 1069 12.46 15.73 -9.41
N PRO B 1070 11.84 14.84 -8.61
CA PRO B 1070 12.47 13.53 -8.41
C PRO B 1070 12.59 12.72 -9.69
N ASN B 1071 11.58 12.76 -10.55
CA ASN B 1071 11.62 11.95 -11.76
C ASN B 1071 12.63 12.50 -12.76
N PHE B 1072 12.76 13.82 -12.83
CA PHE B 1072 13.79 14.41 -13.68
C PHE B 1072 15.18 14.00 -13.20
N ILE B 1073 15.40 14.04 -11.89
CA ILE B 1073 16.70 13.63 -11.35
C ILE B 1073 16.95 12.15 -11.60
N HIS B 1074 15.93 11.32 -11.43
CA HIS B 1074 16.09 9.89 -11.69
C HIS B 1074 16.41 9.64 -13.17
N SER B 1075 15.78 10.40 -14.06
CA SER B 1075 16.10 10.28 -15.49
C SER B 1075 17.54 10.65 -15.76
N LEU B 1076 18.05 11.69 -15.10
CA LEU B 1076 19.44 12.07 -15.30
C LEU B 1076 20.39 11.00 -14.74
N ASP B 1077 20.06 10.45 -13.58
CA ASP B 1077 20.86 9.36 -13.03
C ASP B 1077 20.91 8.17 -13.96
N ALA B 1078 19.75 7.77 -14.48
CA ALA B 1078 19.71 6.63 -15.40
C ALA B 1078 20.46 6.94 -16.70
N SER B 1079 20.40 8.19 -17.17
CA SER B 1079 21.14 8.55 -18.36
C SER B 1079 22.63 8.45 -18.14
N HIS B 1080 23.11 8.99 -17.02
CA HIS B 1080 24.53 8.88 -16.69
C HIS B 1080 24.95 7.43 -16.54
N MET B 1081 24.10 6.61 -15.92
CA MET B 1081 24.43 5.20 -15.75
C MET B 1081 24.51 4.49 -17.10
N LEU B 1082 23.58 4.77 -18.00
CA LEU B 1082 23.58 4.05 -19.28
C LEU B 1082 24.72 4.51 -20.15
N LEU B 1083 25.07 5.80 -20.09
CA LEU B 1083 26.23 6.28 -20.83
C LEU B 1083 27.51 5.64 -20.32
N SER B 1084 27.72 5.67 -19.01
CA SER B 1084 28.93 5.08 -18.46
C SER B 1084 28.95 3.57 -18.64
N ALA B 1085 27.79 2.92 -18.64
CA ALA B 1085 27.75 1.48 -18.89
C ALA B 1085 28.16 1.17 -20.32
N ALA B 1086 27.62 1.91 -21.29
CA ALA B 1086 28.03 1.72 -22.67
C ALA B 1086 29.54 1.93 -22.82
N GLU B 1087 30.08 2.97 -22.20
CA GLU B 1087 31.51 3.25 -22.35
C GLU B 1087 32.35 2.16 -21.71
N CYS B 1088 32.02 1.76 -20.48
CA CYS B 1088 32.79 0.70 -19.82
C CYS B 1088 32.72 -0.60 -20.60
N GLY B 1089 31.53 -0.95 -21.10
CA GLY B 1089 31.44 -2.15 -21.92
C GLY B 1089 32.23 -2.05 -23.20
N LYS B 1090 32.41 -0.83 -23.71
CA LYS B 1090 33.27 -0.66 -24.88
C LYS B 1090 34.74 -0.84 -24.53
N GLN B 1091 35.15 -0.34 -23.36
CA GLN B 1091 36.54 -0.45 -22.93
C GLN B 1091 36.88 -1.84 -22.39
N GLY B 1092 35.89 -2.66 -22.11
CA GLY B 1092 36.13 -4.03 -21.66
C GLY B 1092 35.93 -4.26 -20.19
N LEU B 1093 35.15 -3.44 -19.51
CA LEU B 1093 34.88 -3.61 -18.09
C LEU B 1093 33.56 -4.34 -17.86
N ASP B 1094 33.50 -5.08 -16.77
CA ASP B 1094 32.26 -5.72 -16.31
C ASP B 1094 31.58 -4.69 -15.43
N PHE B 1095 30.52 -4.07 -15.94
CA PHE B 1095 29.85 -3.00 -15.23
C PHE B 1095 28.53 -3.47 -14.64
N ALA B 1096 28.39 -3.31 -13.33
CA ALA B 1096 27.18 -3.63 -12.59
C ALA B 1096 26.75 -2.38 -11.85
N SER B 1097 25.49 -1.99 -12.00
CA SER B 1097 24.97 -0.79 -11.34
C SER B 1097 23.77 -1.15 -10.48
N VAL B 1098 23.78 -0.71 -9.22
CA VAL B 1098 22.66 -0.99 -8.33
C VAL B 1098 21.94 0.31 -8.01
N HIS B 1099 21.83 1.18 -9.02
CA HIS B 1099 21.23 2.51 -9.01
C HIS B 1099 22.02 3.60 -8.30
N ASP B 1100 22.36 3.41 -7.03
CA ASP B 1100 23.32 4.30 -6.38
C ASP B 1100 24.78 3.97 -6.68
N SER B 1101 25.15 2.69 -6.68
CA SER B 1101 26.54 2.30 -6.86
C SER B 1101 26.79 1.69 -8.22
N TYR B 1102 28.02 1.82 -8.69
CA TYR B 1102 28.50 1.21 -9.92
C TYR B 1102 29.57 0.21 -9.52
N TRP B 1103 29.44 -1.02 -9.96
CA TRP B 1103 30.34 -2.07 -9.51
C TRP B 1103 31.24 -2.54 -10.65
N THR B 1104 32.50 -2.81 -10.31
CA THR B 1104 33.39 -3.40 -11.31
C THR B 1104 34.46 -4.18 -10.57
N HIS B 1105 35.49 -4.62 -11.28
CA HIS B 1105 36.57 -5.29 -10.57
C HIS B 1105 37.42 -4.28 -9.82
N ALA B 1106 38.16 -4.78 -8.84
CA ALA B 1106 39.05 -3.89 -8.10
C ALA B 1106 40.14 -3.33 -9.01
N SER B 1107 40.55 -4.09 -10.02
CA SER B 1107 41.61 -3.65 -10.92
C SER B 1107 41.12 -2.72 -12.01
N ASP B 1108 39.81 -2.44 -12.05
CA ASP B 1108 39.25 -1.56 -13.06
C ASP B 1108 38.68 -0.28 -12.48
N ILE B 1109 38.58 -0.18 -11.15
CA ILE B 1109 37.89 0.95 -10.53
C ILE B 1109 38.44 2.26 -11.06
N ASP B 1110 39.76 2.44 -10.98
CA ASP B 1110 40.41 3.63 -11.51
C ASP B 1110 39.94 3.93 -12.92
N THR B 1111 40.09 2.95 -13.82
CA THR B 1111 39.57 3.10 -15.17
C THR B 1111 38.13 3.59 -15.14
N MET B 1112 37.25 2.81 -14.50
CA MET B 1112 35.85 3.17 -14.44
C MET B 1112 35.67 4.60 -13.95
N ASN B 1113 36.41 4.97 -12.91
CA ASN B 1113 36.26 6.30 -12.35
C ASN B 1113 36.39 7.36 -13.43
N VAL B 1114 37.47 7.27 -14.23
CA VAL B 1114 37.66 8.19 -15.34
C VAL B 1114 36.39 8.26 -16.17
N VAL B 1115 35.95 7.11 -16.68
CA VAL B 1115 34.75 7.04 -17.51
C VAL B 1115 33.61 7.78 -16.84
N LEU B 1116 33.37 7.48 -15.56
CA LEU B 1116 32.29 8.12 -14.83
C LEU B 1116 32.36 9.63 -15.01
N ARG B 1117 33.47 10.22 -14.59
CA ARG B 1117 33.62 11.67 -14.71
C ARG B 1117 33.34 12.12 -16.13
N GLU B 1118 33.99 11.47 -17.10
CA GLU B 1118 33.84 11.88 -18.49
C GLU B 1118 32.37 11.92 -18.88
N GLN B 1119 31.63 10.86 -18.56
CA GLN B 1119 30.25 10.81 -18.99
C GLN B 1119 29.42 11.88 -18.33
N PHE B 1120 29.73 12.18 -17.06
CA PHE B 1120 29.06 13.30 -16.40
C PHE B 1120 29.23 14.57 -17.22
N ILE B 1121 30.47 14.84 -17.66
CA ILE B 1121 30.69 15.97 -18.54
C ILE B 1121 29.85 15.81 -19.80
N LYS B 1122 29.94 14.66 -20.45
CA LYS B 1122 29.20 14.42 -21.68
C LYS B 1122 27.70 14.54 -21.48
N LEU B 1123 27.23 14.59 -20.24
CA LEU B 1123 25.80 14.76 -19.99
C LEU B 1123 25.43 16.19 -19.66
N HIS B 1124 26.34 16.94 -19.04
CA HIS B 1124 26.01 18.25 -18.50
C HIS B 1124 26.74 19.39 -19.20
N GLU B 1125 27.49 19.10 -20.26
CA GLU B 1125 28.05 20.18 -21.06
C GLU B 1125 26.95 20.98 -21.75
N VAL B 1126 25.80 20.36 -21.98
CA VAL B 1126 24.64 21.02 -22.57
C VAL B 1126 23.68 21.41 -21.46
N ASP B 1127 23.20 22.65 -21.51
CA ASP B 1127 22.25 23.13 -20.51
C ASP B 1127 20.98 22.31 -20.58
N LEU B 1128 20.72 21.51 -19.56
CA LEU B 1128 19.60 20.57 -19.62
C LEU B 1128 18.28 21.21 -19.23
N VAL B 1129 18.29 22.15 -18.29
CA VAL B 1129 17.05 22.84 -17.94
C VAL B 1129 16.55 23.65 -19.13
N LEU B 1130 17.47 24.28 -19.87
CA LEU B 1130 17.07 25.02 -21.06
C LEU B 1130 16.54 24.09 -22.13
N ARG B 1131 17.20 22.96 -22.36
CA ARG B 1131 16.73 22.00 -23.35
C ARG B 1131 15.37 21.46 -22.97
N LEU B 1132 15.14 21.24 -21.68
CA LEU B 1132 13.84 20.77 -21.21
C LEU B 1132 12.77 21.83 -21.45
N LYS B 1133 13.07 23.10 -21.16
CA LYS B 1133 12.10 24.15 -21.39
C LYS B 1133 11.77 24.29 -22.87
N GLU B 1134 12.77 24.16 -23.74
CA GLU B 1134 12.50 24.21 -25.17
C GLU B 1134 11.64 23.05 -25.62
N GLU B 1135 11.92 21.85 -25.12
CA GLU B 1135 11.10 20.69 -25.47
C GLU B 1135 9.67 20.86 -24.98
N PHE B 1136 9.50 21.41 -23.77
CA PHE B 1136 8.17 21.72 -23.28
C PHE B 1136 7.47 22.72 -24.17
N ASP B 1137 8.19 23.76 -24.59
CA ASP B 1137 7.60 24.79 -25.46
C ASP B 1137 7.17 24.22 -26.80
N GLN B 1138 7.88 23.22 -27.30
CA GLN B 1138 7.48 22.62 -28.56
C GLN B 1138 6.30 21.67 -28.38
N ARG B 1139 6.38 20.80 -27.37
CA ARG B 1139 5.35 19.78 -27.19
C ARG B 1139 4.05 20.37 -26.67
N TYR B 1140 4.12 21.42 -25.87
CA TYR B 1140 2.94 22.07 -25.30
C TYR B 1140 2.71 23.44 -25.93
N LYS B 1141 2.88 23.51 -27.25
CA LYS B 1141 2.79 24.80 -27.94
C LYS B 1141 1.36 25.31 -27.98
N ASN B 1142 0.47 24.58 -28.66
CA ASN B 1142 -0.91 25.03 -28.85
C ASN B 1142 -1.84 24.41 -27.81
N TYR B 1143 -1.58 24.75 -26.55
CA TYR B 1143 -2.44 24.39 -25.45
C TYR B 1143 -3.01 25.67 -24.85
N VAL B 1144 -4.09 25.52 -24.10
CA VAL B 1144 -4.71 26.68 -23.45
C VAL B 1144 -4.98 26.33 -21.99
N LYS B 1145 -4.75 27.28 -21.10
CA LYS B 1145 -4.86 27.02 -19.66
C LYS B 1145 -6.08 27.73 -19.10
N ILE B 1146 -6.76 27.07 -18.16
CA ILE B 1146 -7.82 27.71 -17.39
C ILE B 1146 -7.19 28.52 -16.28
N GLY B 1147 -7.64 29.76 -16.12
CA GLY B 1147 -7.09 30.64 -15.10
C GLY B 1147 -8.18 31.36 -14.33
N LYS B 1148 -7.90 31.60 -13.06
CA LYS B 1148 -8.77 32.39 -12.20
C LYS B 1148 -8.53 33.87 -12.47
N LEU B 1149 -9.14 34.73 -11.66
CA LEU B 1149 -8.95 36.17 -11.77
C LEU B 1149 -8.75 36.77 -10.39
N LYS B 1150 -7.83 36.19 -9.62
CA LYS B 1150 -7.46 36.71 -8.31
C LYS B 1150 -6.03 37.22 -8.24
N ARG B 1151 -5.23 37.03 -9.28
CA ARG B 1151 -3.83 37.46 -9.32
C ARG B 1151 -3.65 38.46 -10.44
N SER B 1152 -2.42 38.96 -10.59
CA SER B 1152 -2.11 39.97 -11.58
C SER B 1152 -1.85 39.35 -12.95
N THR B 1153 -1.88 40.18 -13.97
CA THR B 1153 -1.66 39.77 -15.35
C THR B 1153 -0.18 39.83 -15.69
N ASP B 1154 0.26 38.91 -16.55
CA ASP B 1154 1.67 38.74 -16.84
C ASP B 1154 2.14 39.48 -18.09
N LEU B 1155 1.40 39.37 -19.19
CA LEU B 1155 1.81 39.95 -20.47
C LEU B 1155 0.59 40.56 -21.15
N ALA B 1156 0.72 40.87 -22.45
CA ALA B 1156 -0.31 41.63 -23.16
C ALA B 1156 -0.67 41.02 -24.51
N GLN B 1157 -0.34 39.76 -24.75
CA GLN B 1157 -0.72 39.10 -25.99
C GLN B 1157 -1.84 38.08 -25.80
N LYS B 1158 -2.33 37.92 -24.57
CA LYS B 1158 -3.43 36.98 -24.31
C LYS B 1158 -4.74 37.50 -24.87
N ILE B 1159 -5.00 38.80 -24.73
CA ILE B 1159 -6.32 39.34 -25.00
C ILE B 1159 -6.69 39.17 -26.47
N ILE B 1160 -5.71 39.13 -27.35
CA ILE B 1160 -5.97 38.87 -28.76
C ILE B 1160 -5.87 37.38 -29.09
N ARG B 1161 -5.11 36.61 -28.29
CA ARG B 1161 -4.98 35.19 -28.55
C ARG B 1161 -6.27 34.45 -28.26
N ILE B 1162 -6.98 34.82 -27.19
CA ILE B 1162 -8.15 34.06 -26.80
C ILE B 1162 -9.29 34.25 -27.80
N ARG B 1163 -9.40 35.45 -28.35
CA ARG B 1163 -10.44 35.77 -29.30
C ARG B 1163 -10.26 35.11 -30.65
N LYS B 1164 -9.03 35.13 -31.14
CA LYS B 1164 -8.72 34.59 -32.45
C LYS B 1164 -9.49 35.43 -33.48
N ASP B 1165 -9.76 36.68 -33.11
CA ASP B 1165 -10.51 37.62 -33.93
C ASP B 1165 -9.94 38.09 -35.27
N LEU B 1166 -8.63 38.33 -35.33
CA LEU B 1166 -8.01 38.84 -36.55
C LEU B 1166 -8.14 37.90 -37.74
N SER B 1167 -8.29 38.50 -38.92
CA SER B 1167 -8.45 37.73 -40.15
C SER B 1167 -7.25 36.85 -40.37
N ARG B 1168 -7.51 35.60 -40.73
CA ARG B 1168 -6.47 34.63 -40.94
C ARG B 1168 -6.67 33.90 -42.26
N LYS B 1169 -6.41 34.58 -43.36
CA LYS B 1169 -6.58 33.99 -44.67
C LYS B 1169 -5.34 34.19 -45.52
N LEU B 1170 -5.12 33.26 -46.45
CA LEU B 1170 -3.97 33.29 -47.36
C LEU B 1170 -2.75 32.70 -46.68
N GLY B 1171 -2.95 32.26 -45.44
CA GLY B 1171 -1.92 31.64 -44.64
C GLY B 1171 -2.68 30.57 -43.88
N ARG B 1172 -2.01 29.52 -43.43
CA ARG B 1172 -2.73 28.49 -42.69
C ARG B 1172 -2.80 28.92 -41.24
N SER B 1173 -3.89 29.61 -40.93
CA SER B 1173 -4.19 30.15 -39.61
C SER B 1173 -5.39 29.45 -38.99
N THR B 1174 -5.51 28.17 -39.30
CA THR B 1174 -6.60 27.37 -38.78
C THR B 1174 -6.42 27.16 -37.29
N THR B 1175 -5.30 27.64 -36.76
CA THR B 1175 -5.09 27.72 -35.33
C THR B 1175 -5.96 28.84 -34.82
N LEU B 1176 -5.98 29.97 -35.52
CA LEU B 1176 -6.84 31.06 -35.11
C LEU B 1176 -8.24 30.51 -35.28
N ALA B 1177 -8.44 29.78 -36.36
CA ALA B 1177 -9.71 29.15 -36.63
C ALA B 1177 -9.94 28.11 -35.53
N ASP B 1178 -8.88 27.38 -35.23
CA ASP B 1178 -8.91 26.34 -34.19
C ASP B 1178 -9.11 26.84 -32.76
N GLU B 1179 -8.46 27.94 -32.38
CA GLU B 1179 -8.62 28.48 -31.03
C GLU B 1179 -10.04 28.99 -30.82
N ILE B 1180 -10.55 29.70 -31.81
CA ILE B 1180 -11.91 30.22 -31.79
C ILE B 1180 -12.85 29.03 -31.81
N TYR B 1181 -12.47 28.02 -32.56
CA TYR B 1181 -13.28 26.82 -32.67
C TYR B 1181 -13.40 26.21 -31.29
N PHE B 1182 -12.30 26.21 -30.54
CA PHE B 1182 -12.34 25.65 -29.20
C PHE B 1182 -13.32 26.44 -28.34
N GLU B 1183 -13.34 27.75 -28.48
CA GLU B 1183 -14.26 28.55 -27.69
C GLU B 1183 -15.65 28.06 -28.05
N LYS B 1184 -15.81 27.71 -29.32
CA LYS B 1184 -17.06 27.16 -29.80
C LYS B 1184 -17.23 25.88 -29.02
N LYS B 1185 -16.13 25.17 -28.86
CA LYS B 1185 -16.06 23.92 -28.11
C LYS B 1185 -16.35 24.10 -26.63
N ARG B 1186 -15.92 25.22 -26.07
CA ARG B 1186 -16.09 25.51 -24.65
C ARG B 1186 -17.46 25.85 -24.03
N GLN B 1187 -18.46 26.18 -24.85
CA GLN B 1187 -19.82 26.36 -24.35
C GLN B 1187 -19.93 27.62 -23.48
N GLU B 1188 -19.66 28.75 -24.11
CA GLU B 1188 -20.05 30.03 -23.54
C GLU B 1188 -21.57 30.18 -23.64
N LEU B 1189 -22.08 31.27 -23.07
CA LEU B 1189 -23.51 31.56 -23.12
C LEU B 1189 -23.91 31.83 -24.56
N LEU B 1190 -24.54 30.86 -25.21
CA LEU B 1190 -24.88 30.96 -26.62
C LEU B 1190 -26.01 30.00 -26.92
N ASN B 1191 -26.88 30.41 -27.85
CA ASN B 1191 -27.99 29.56 -28.27
C ASN B 1191 -27.53 28.54 -29.29
N GLU B 1212 -25.39 34.76 -30.01
CA GLU B 1212 -25.42 33.42 -30.59
C GLU B 1212 -24.01 32.89 -30.81
N ASP B 1213 -23.18 33.67 -31.50
CA ASP B 1213 -21.81 33.27 -31.79
C ASP B 1213 -20.80 34.15 -31.08
N ILE B 1214 -20.85 35.46 -31.29
CA ILE B 1214 -19.91 36.39 -30.67
C ILE B 1214 -20.61 36.96 -29.44
N THR B 1215 -20.50 36.24 -28.32
CA THR B 1215 -20.96 36.72 -27.02
C THR B 1215 -19.92 36.56 -25.92
N ASP B 1216 -18.94 35.66 -26.07
CA ASP B 1216 -17.82 35.54 -25.16
C ASP B 1216 -16.61 36.33 -25.63
N LEU B 1217 -16.55 36.67 -26.91
CA LEU B 1217 -15.45 37.46 -27.44
C LEU B 1217 -15.57 38.92 -26.99
N ASP B 1218 -16.78 39.47 -27.09
CA ASP B 1218 -17.01 40.86 -26.73
C ASP B 1218 -17.18 41.08 -25.23
N ALA B 1219 -17.35 40.00 -24.46
CA ALA B 1219 -17.46 40.14 -23.01
C ALA B 1219 -16.10 40.40 -22.37
N LEU B 1220 -15.10 39.60 -22.76
CA LEU B 1220 -13.76 39.72 -22.19
C LEU B 1220 -13.16 41.10 -22.38
N GLU B 1221 -13.71 41.93 -23.25
CA GLU B 1221 -13.19 43.28 -23.39
C GLU B 1221 -13.41 44.09 -22.13
N LEU B 1222 -14.54 43.88 -21.44
CA LEU B 1222 -14.67 44.44 -20.10
C LEU B 1222 -13.61 43.84 -19.17
N GLU B 1223 -13.30 42.56 -19.36
CA GLU B 1223 -12.14 41.97 -18.71
C GLU B 1223 -10.83 42.52 -19.29
N ASN B 1224 -10.82 42.91 -20.56
CA ASN B 1224 -9.61 43.48 -21.15
C ASN B 1224 -9.47 44.96 -20.91
N GLY B 1225 -10.46 45.61 -20.29
CA GLY B 1225 -10.36 47.01 -19.96
C GLY B 1225 -10.07 47.25 -18.49
N ASN B 1229 -10.00 44.32 -14.85
CA ASN B 1229 -10.77 43.20 -15.36
C ASN B 1229 -11.94 42.84 -14.44
N SER B 1230 -12.79 41.93 -14.89
CA SER B 1230 -13.93 41.45 -14.12
C SER B 1230 -13.78 39.95 -13.91
N GLY B 1231 -14.09 39.50 -12.69
CA GLY B 1231 -13.87 38.12 -12.29
C GLY B 1231 -14.54 37.15 -13.26
N MET B 1232 -13.73 36.32 -13.91
CA MET B 1232 -14.23 35.27 -14.78
C MET B 1232 -13.10 34.28 -15.02
N SER B 1233 -13.47 33.00 -15.17
CA SER B 1233 -12.49 31.96 -15.48
C SER B 1233 -12.01 32.18 -16.89
N VAL B 1234 -10.83 32.77 -17.04
CA VAL B 1234 -10.33 33.16 -18.34
C VAL B 1234 -9.51 32.02 -18.95
N LEU B 1235 -9.29 32.13 -20.25
CA LEU B 1235 -8.51 31.16 -21.03
C LEU B 1235 -7.16 31.76 -21.37
N LEU B 1236 -6.17 31.56 -20.49
CA LEU B 1236 -4.85 32.04 -20.83
C LEU B 1236 -4.19 31.10 -21.84
N PRO B 1237 -3.13 31.54 -22.49
CA PRO B 1237 -2.29 30.60 -23.24
C PRO B 1237 -1.25 29.97 -22.33
N LEU B 1238 -0.90 28.73 -22.64
CA LEU B 1238 0.07 28.01 -21.82
C LEU B 1238 1.47 28.55 -22.11
N ARG B 1239 2.07 29.20 -21.11
CA ARG B 1239 3.39 29.78 -21.22
C ARG B 1239 4.21 29.31 -20.03
N LEU B 1240 5.24 28.53 -20.30
CA LEU B 1240 6.08 28.03 -19.22
C LEU B 1240 7.06 29.11 -18.75
N PRO B 1241 7.38 29.14 -17.47
CA PRO B 1241 8.24 30.21 -16.95
C PRO B 1241 9.64 30.14 -17.55
N GLU B 1242 10.39 31.21 -17.33
CA GLU B 1242 11.77 31.25 -17.76
C GLU B 1242 12.64 30.56 -16.72
N ILE B 1243 13.68 29.86 -17.19
CA ILE B 1243 14.54 29.09 -16.30
C ILE B 1243 15.20 30.03 -15.31
N PRO B 1244 15.49 29.58 -14.09
CA PRO B 1244 16.11 30.46 -13.10
C PRO B 1244 17.51 30.88 -13.54
N PRO B 1245 18.10 31.89 -12.89
CA PRO B 1245 19.47 32.28 -13.26
C PRO B 1245 20.46 31.18 -12.92
N LYS B 1246 21.28 30.81 -13.89
CA LYS B 1246 22.22 29.71 -13.75
C LYS B 1246 23.51 30.24 -13.13
N GLY B 1247 23.80 29.82 -11.90
CA GLY B 1247 25.06 30.17 -11.29
C GLY B 1247 26.23 29.62 -12.08
N ASP B 1248 27.36 30.33 -12.03
CA ASP B 1248 28.51 29.97 -12.83
C ASP B 1248 29.31 28.89 -12.11
N PHE B 1249 29.50 27.75 -12.77
CA PHE B 1249 30.34 26.68 -12.26
C PHE B 1249 30.73 25.78 -13.43
N ASP B 1250 32.01 25.79 -13.78
CA ASP B 1250 32.50 24.96 -14.87
C ASP B 1250 32.52 23.50 -14.42
N VAL B 1251 31.63 22.69 -15.00
CA VAL B 1251 31.59 21.29 -14.63
C VAL B 1251 32.86 20.58 -15.06
N THR B 1252 33.57 21.10 -16.06
CA THR B 1252 34.74 20.43 -16.59
C THR B 1252 35.90 20.40 -15.61
N VAL B 1253 35.77 21.05 -14.45
CA VAL B 1253 36.76 20.88 -13.38
C VAL B 1253 36.57 19.55 -12.65
N LEU B 1254 35.62 18.74 -13.09
CA LEU B 1254 35.34 17.45 -12.47
C LEU B 1254 36.34 16.37 -12.88
N ARG B 1255 37.12 16.60 -13.94
CA ARG B 1255 38.02 15.58 -14.47
C ARG B 1255 39.11 15.19 -13.48
N ASN B 1256 39.14 15.81 -12.30
CA ASN B 1256 40.21 15.60 -11.35
C ASN B 1256 39.73 15.30 -9.94
N SER B 1257 38.43 15.31 -9.68
CA SER B 1257 37.92 15.11 -8.33
C SER B 1257 37.99 13.63 -7.99
N GLN B 1258 39.00 13.23 -7.22
CA GLN B 1258 39.17 11.83 -6.88
C GLN B 1258 38.12 11.33 -5.90
N TYR B 1259 37.27 12.22 -5.38
CA TYR B 1259 36.18 11.82 -4.50
C TYR B 1259 34.83 12.12 -5.10
N PHE B 1260 34.77 12.36 -6.41
CA PHE B 1260 33.50 12.59 -7.09
C PHE B 1260 32.56 11.42 -6.88
N PHE B 1261 32.93 10.25 -7.39
CA PHE B 1261 32.32 8.98 -7.05
C PHE B 1261 33.29 8.19 -6.18
N SER B 1262 32.89 7.89 -4.96
CA SER B 1262 33.71 7.08 -4.06
C SER B 1262 32.90 6.45 -2.92
#